data_5EY3
#
_entry.id   5EY3
#
_cell.length_a   193.398
_cell.length_b   193.398
_cell.length_c   58.208
_cell.angle_alpha   90.000
_cell.angle_beta   90.000
_cell.angle_gamma   90.000
#
_symmetry.space_group_name_H-M   'I 4'
#
loop_
_entity.id
_entity.type
_entity.pdbx_description
1 polymer 'Thymidine phosphorylase'
2 non-polymer 'SULFATE ION'
3 non-polymer GLYCEROL
4 non-polymer 1,2-ETHANEDIOL
5 non-polymer 4-AMINO-1-BETA-D-RIBOFURANOSYL-2(1H)-PYRIMIDINONE
6 water water
#
_entity_poly.entity_id   1
_entity_poly.type   'polypeptide(L)'
_entity_poly.pdbx_seq_one_letter_code
;GSMFLAQEIIRKKRDGHALSDEEIRFFINGIRDNTISEGQIAALAMTIFFHDMTMPERVSLTMAMRDSGTVLDWKSLNLN
GPIVDKHSTGGVGDVTSLMLGPMVAACGGYVPMISGRGLGHTGGTLDKLEAIPGFDIFPDDNRFREIIQDVGVAIIGQTS
SLAPADKRFYATRDITATVDSIPLITGSILAKKLAEGLDALVMDVKVGSGAFMPTYELSEALAEAIVGVANGAGVRTTAL
LTDMNQVLASSAGNAVEVREAVQFLTGEYRNPRLFDVTMALCVEMLISGQLAKDDAEARAKLQAVLDNGKAAEVFGRMVA
AQKGPSDFVENYDKYLPTAMLSKAVYADTEGFISAMDTRALGMAVVSMGGGRRQASDTIDYSVGFTDMARLGDSIDGQRP
LAVIHAKDEASWQEAAKAVKAAIILDDKAPASTPSVYRRITE
;
_entity_poly.pdbx_strand_id   A,B
#
loop_
_chem_comp.id
_chem_comp.type
_chem_comp.name
_chem_comp.formula
CTN non-polymer 4-AMINO-1-BETA-D-RIBOFURANOSYL-2(1H)-PYRIMIDINONE 'C9 H13 N3 O5'
EDO non-polymer 1,2-ETHANEDIOL 'C2 H6 O2'
GOL non-polymer GLYCEROL 'C3 H8 O3'
SO4 non-polymer 'SULFATE ION' 'O4 S -2'
#
# COMPACT_ATOMS: atom_id res chain seq x y z
N GLY A 1 29.23 16.26 -0.86
CA GLY A 1 29.31 16.88 0.47
C GLY A 1 28.90 15.92 1.57
N SER A 2 27.64 15.47 1.51
CA SER A 2 27.23 14.35 2.35
C SER A 2 28.06 13.10 2.02
N MET A 3 28.40 12.88 0.75
CA MET A 3 29.21 11.72 0.38
C MET A 3 30.58 11.79 1.04
N PHE A 4 31.13 12.98 1.23
CA PHE A 4 32.40 13.11 1.94
C PHE A 4 32.26 12.71 3.40
N LEU A 5 31.24 13.24 4.09
CA LEU A 5 31.03 12.90 5.49
C LEU A 5 30.72 11.42 5.65
N ALA A 6 29.93 10.86 4.73
CA ALA A 6 29.61 9.44 4.79
C ALA A 6 30.87 8.58 4.75
N GLN A 7 31.79 8.89 3.83
CA GLN A 7 32.99 8.06 3.68
C GLN A 7 33.88 8.13 4.92
N GLU A 8 33.96 9.29 5.57
CA GLU A 8 34.69 9.39 6.83
C GLU A 8 34.07 8.48 7.89
N ILE A 9 32.74 8.44 7.95
CA ILE A 9 32.07 7.60 8.94
C ILE A 9 32.33 6.13 8.64
N ILE A 10 32.30 5.74 7.37
CA ILE A 10 32.65 4.38 6.99
C ILE A 10 34.08 4.05 7.42
N ARG A 11 35.01 4.95 7.11
CA ARG A 11 36.41 4.68 7.44
C ARG A 11 36.58 4.53 8.95
N LYS A 12 35.85 5.35 9.71
CA LYS A 12 35.94 5.28 11.17
C LYS A 12 35.47 3.94 11.70
N LYS A 13 34.34 3.45 11.18
CA LYS A 13 33.81 2.15 11.61
C LYS A 13 34.68 1.02 11.08
N ARG A 14 35.09 1.12 9.82
CA ARG A 14 36.05 0.18 9.22
C ARG A 14 37.22 -0.10 10.15
N ASP A 15 37.74 0.93 10.81
CA ASP A 15 38.96 0.78 11.59
C ASP A 15 38.70 0.44 13.05
N GLY A 16 37.48 0.03 13.40
CA GLY A 16 37.18 -0.51 14.70
C GLY A 16 36.75 0.48 15.74
N HIS A 17 36.57 1.75 15.37
CA HIS A 17 36.11 2.76 16.32
C HIS A 17 34.59 2.73 16.42
N ALA A 18 34.09 3.19 17.56
CA ALA A 18 32.65 3.35 17.76
C ALA A 18 32.19 4.68 17.19
N LEU A 19 31.06 4.65 16.48
CA LEU A 19 30.48 5.87 15.93
C LEU A 19 29.71 6.63 16.99
N SER A 20 29.67 7.94 16.83
CA SER A 20 28.93 8.79 17.76
C SER A 20 27.45 8.77 17.42
N ASP A 21 26.63 9.15 18.40
CA ASP A 21 25.20 9.32 18.14
C ASP A 21 24.98 10.23 16.94
N GLU A 22 25.71 11.35 16.90
CA GLU A 22 25.55 12.34 15.83
C GLU A 22 25.93 11.76 14.47
N GLU A 23 27.01 10.97 14.40
CA GLU A 23 27.39 10.33 13.13
C GLU A 23 26.35 9.29 12.69
N ILE A 24 25.82 8.54 13.66
CA ILE A 24 24.86 7.50 13.32
C ILE A 24 23.57 8.12 12.79
N ARG A 25 23.11 9.20 13.42
CA ARG A 25 21.89 9.85 12.96
C ARG A 25 22.10 10.53 11.62
N PHE A 26 23.27 11.13 11.39
CA PHE A 26 23.57 11.69 10.08
C PHE A 26 23.45 10.62 9.00
N PHE A 27 24.07 9.47 9.24
CA PHE A 27 24.10 8.43 8.22
C PHE A 27 22.71 7.82 8.00
N ILE A 28 21.95 7.62 9.08
CA ILE A 28 20.61 7.06 8.92
C ILE A 28 19.70 8.02 8.15
N ASN A 29 19.81 9.33 8.44
CA ASN A 29 18.99 10.29 7.70
C ASN A 29 19.43 10.40 6.24
N GLY A 30 20.73 10.22 5.95
CA GLY A 30 21.16 10.20 4.57
C GLY A 30 20.68 8.99 3.82
N ILE A 31 20.53 7.86 4.51
CA ILE A 31 19.85 6.72 3.88
C ILE A 31 18.39 7.09 3.59
N ARG A 32 17.74 7.76 4.53
CA ARG A 32 16.33 8.11 4.36
C ARG A 32 16.14 9.11 3.23
N ASP A 33 17.03 10.09 3.12
CA ASP A 33 16.90 11.15 2.12
C ASP A 33 17.53 10.81 0.78
N ASN A 34 18.12 9.61 0.64
CA ASN A 34 18.78 9.22 -0.59
C ASN A 34 19.97 10.14 -0.93
N THR A 35 20.57 10.75 0.08
CA THR A 35 21.79 11.52 -0.10
C THR A 35 23.06 10.71 0.16
N ILE A 36 22.92 9.44 0.54
CA ILE A 36 24.04 8.52 0.70
C ILE A 36 23.81 7.35 -0.24
N SER A 37 24.85 6.97 -0.98
CA SER A 37 24.67 6.05 -2.09
C SER A 37 24.59 4.60 -1.61
N GLU A 38 24.08 3.73 -2.49
CA GLU A 38 23.96 2.33 -2.12
C GLU A 38 25.33 1.73 -1.77
N GLY A 39 26.36 2.09 -2.53
CA GLY A 39 27.69 1.60 -2.20
C GLY A 39 28.10 1.95 -0.78
N GLN A 40 27.84 3.20 -0.38
CA GLN A 40 28.23 3.63 0.97
C GLN A 40 27.42 2.93 2.05
N ILE A 41 26.14 2.70 1.79
CA ILE A 41 25.31 1.95 2.72
C ILE A 41 25.86 0.54 2.90
N ALA A 42 26.15 -0.14 1.79
CA ALA A 42 26.68 -1.50 1.87
C ALA A 42 28.00 -1.55 2.60
N ALA A 43 28.88 -0.58 2.33
CA ALA A 43 30.17 -0.53 3.00
C ALA A 43 29.99 -0.39 4.51
N LEU A 44 29.14 0.53 4.94
CA LEU A 44 28.91 0.69 6.39
C LEU A 44 28.35 -0.60 6.97
N ALA A 45 27.34 -1.16 6.30
CA ALA A 45 26.74 -2.40 6.78
C ALA A 45 27.80 -3.48 6.96
N MET A 46 28.72 -3.60 5.99
CA MET A 46 29.76 -4.62 6.08
C MET A 46 30.77 -4.32 7.19
N THR A 47 31.08 -3.05 7.44
CA THR A 47 31.95 -2.76 8.58
C THR A 47 31.26 -3.09 9.90
N ILE A 48 29.94 -2.94 9.97
CA ILE A 48 29.22 -3.33 11.19
C ILE A 48 29.18 -4.84 11.32
N PHE A 49 28.95 -5.55 10.20
CA PHE A 49 28.99 -7.00 10.24
C PHE A 49 30.30 -7.49 10.83
N PHE A 50 31.39 -6.84 10.47
CA PHE A 50 32.70 -7.34 10.91
C PHE A 50 33.03 -6.90 12.33
N HIS A 51 32.88 -5.60 12.62
CA HIS A 51 33.33 -5.06 13.90
C HIS A 51 32.26 -5.03 14.98
N ASP A 52 30.99 -5.24 14.63
CA ASP A 52 29.88 -5.19 15.57
C ASP A 52 29.65 -3.77 16.04
N MET A 53 28.83 -3.60 17.07
CA MET A 53 28.51 -2.30 17.63
C MET A 53 28.39 -2.46 19.13
N THR A 54 28.82 -1.44 19.85
CA THR A 54 28.67 -1.39 21.29
C THR A 54 27.21 -1.06 21.62
N MET A 55 26.86 -1.26 22.89
CA MET A 55 25.49 -0.92 23.31
C MET A 55 25.12 0.53 23.00
N PRO A 56 25.95 1.54 23.29
CA PRO A 56 25.57 2.90 22.88
C PRO A 56 25.38 3.04 21.38
N GLU A 57 26.21 2.35 20.57
CA GLU A 57 26.00 2.38 19.14
C GLU A 57 24.68 1.73 18.76
N ARG A 58 24.39 0.56 19.33
CA ARG A 58 23.16 -0.15 19.00
C ARG A 58 21.95 0.70 19.35
N VAL A 59 22.00 1.37 20.51
CA VAL A 59 20.92 2.25 20.93
C VAL A 59 20.78 3.43 19.97
N SER A 60 21.91 4.04 19.61
CA SER A 60 21.86 5.16 18.67
C SER A 60 21.32 4.72 17.33
N LEU A 61 21.70 3.54 16.86
CA LEU A 61 21.22 3.07 15.57
C LEU A 61 19.70 2.91 15.58
N THR A 62 19.18 2.29 16.64
CA THR A 62 17.75 2.02 16.73
C THR A 62 16.96 3.32 16.90
N MET A 63 17.43 4.20 17.80
CA MET A 63 16.75 5.49 17.97
C MET A 63 16.81 6.34 16.70
N ALA A 64 17.93 6.29 15.97
CA ALA A 64 18.01 7.02 14.69
C ALA A 64 17.03 6.45 13.67
N MET A 65 16.99 5.12 13.54
CA MET A 65 15.99 4.52 12.66
C MET A 65 14.59 4.88 13.12
N ARG A 66 14.37 4.88 14.43
CA ARG A 66 13.07 5.23 14.99
C ARG A 66 12.73 6.68 14.68
N ASP A 67 13.69 7.59 14.86
CA ASP A 67 13.45 9.01 14.62
C ASP A 67 13.48 9.39 13.15
N SER A 68 13.71 8.44 12.25
CA SER A 68 13.77 8.79 10.83
C SER A 68 12.40 9.09 10.24
N GLY A 69 11.32 8.75 10.95
CA GLY A 69 9.99 9.07 10.48
C GLY A 69 9.12 9.55 11.61
N THR A 70 7.80 9.37 11.48
CA THR A 70 6.88 9.81 12.52
C THR A 70 7.13 9.02 13.80
N VAL A 71 7.15 9.72 14.93
CA VAL A 71 7.14 9.10 16.24
C VAL A 71 5.89 9.58 16.98
N LEU A 72 5.04 8.63 17.40
CA LEU A 72 3.80 9.02 18.05
C LEU A 72 4.05 9.57 19.44
N ASP A 73 3.39 10.67 19.76
CA ASP A 73 3.48 11.34 21.05
C ASP A 73 2.09 11.32 21.65
N TRP A 74 1.96 10.78 22.86
CA TRP A 74 0.65 10.58 23.49
C TRP A 74 0.35 11.58 24.59
N LYS A 75 1.28 12.49 24.90
CA LYS A 75 1.13 13.33 26.08
C LYS A 75 -0.12 14.21 26.03
N SER A 76 -0.43 14.77 24.85
CA SER A 76 -1.55 15.69 24.76
C SER A 76 -2.90 15.03 24.99
N LEU A 77 -3.02 13.72 24.76
CA LEU A 77 -4.27 13.03 25.02
C LEU A 77 -4.54 12.86 26.51
N ASN A 78 -3.50 12.96 27.34
CA ASN A 78 -3.62 12.82 28.79
C ASN A 78 -4.36 11.52 29.15
N LEU A 79 -3.82 10.42 28.64
CA LEU A 79 -4.22 9.11 29.10
C LEU A 79 -3.70 8.92 30.52
N ASN A 80 -4.40 8.10 31.30
CA ASN A 80 -4.00 7.89 32.68
C ASN A 80 -3.40 6.50 32.91
N GLY A 81 -2.86 5.90 31.86
CA GLY A 81 -2.16 4.64 31.98
C GLY A 81 -0.98 4.54 31.03
N PRO A 82 -0.29 3.40 31.06
CA PRO A 82 0.90 3.24 30.23
C PRO A 82 0.57 2.92 28.79
N ILE A 83 1.44 3.40 27.90
CA ILE A 83 1.41 3.01 26.49
C ILE A 83 2.29 1.79 26.35
N VAL A 84 1.74 0.69 25.84
CA VAL A 84 2.45 -0.58 25.92
C VAL A 84 2.04 -1.45 24.74
N ASP A 85 2.95 -2.30 24.30
CA ASP A 85 2.64 -3.13 23.14
C ASP A 85 3.43 -4.43 23.27
N LYS A 86 3.16 -5.34 22.34
CA LYS A 86 3.85 -6.62 22.23
C LYS A 86 4.43 -6.71 20.83
N HIS A 87 5.63 -7.27 20.71
CA HIS A 87 6.18 -7.54 19.39
C HIS A 87 6.64 -8.98 19.36
N SER A 88 6.69 -9.57 18.16
CA SER A 88 6.93 -11.00 18.03
C SER A 88 7.79 -11.26 16.80
N THR A 89 8.56 -12.35 16.83
CA THR A 89 9.18 -12.83 15.59
C THR A 89 8.22 -13.67 14.74
N GLY A 90 6.99 -13.92 15.20
CA GLY A 90 5.94 -14.47 14.36
C GLY A 90 5.82 -15.99 14.43
N GLY A 91 4.69 -16.49 13.95
CA GLY A 91 4.49 -17.93 13.90
C GLY A 91 3.15 -18.30 13.33
N VAL A 92 3.05 -19.57 12.92
CA VAL A 92 1.80 -20.09 12.39
C VAL A 92 0.84 -20.31 13.55
N GLY A 93 -0.38 -19.80 13.39
CA GLY A 93 -1.35 -19.94 14.44
C GLY A 93 -1.10 -19.02 15.60
N ASP A 94 -0.21 -18.04 15.46
CA ASP A 94 0.01 -17.11 16.57
C ASP A 94 -0.97 -15.97 16.44
N VAL A 95 -2.09 -16.10 17.15
CA VAL A 95 -3.13 -15.08 17.15
C VAL A 95 -3.13 -14.28 18.45
N THR A 96 -2.08 -14.42 19.27
CA THR A 96 -2.06 -13.81 20.60
C THR A 96 -2.47 -12.35 20.59
N SER A 97 -2.06 -11.60 19.56
CA SER A 97 -2.28 -10.15 19.57
C SER A 97 -3.76 -9.79 19.72
N LEU A 98 -4.64 -10.61 19.14
CA LEU A 98 -6.06 -10.25 19.09
C LEU A 98 -6.73 -10.38 20.45
N MET A 99 -6.20 -11.22 21.32
CA MET A 99 -6.66 -11.27 22.70
C MET A 99 -5.84 -10.39 23.62
N LEU A 100 -4.51 -10.33 23.38
CA LEU A 100 -3.63 -9.64 24.31
C LEU A 100 -3.95 -8.16 24.41
N GLY A 101 -4.20 -7.51 23.28
CA GLY A 101 -4.47 -6.08 23.27
C GLY A 101 -5.70 -5.74 24.10
N PRO A 102 -6.82 -6.43 23.80
CA PRO A 102 -8.03 -6.22 24.62
C PRO A 102 -7.87 -6.57 26.08
N MET A 103 -7.12 -7.63 26.41
CA MET A 103 -6.97 -8.01 27.80
C MET A 103 -6.17 -6.95 28.56
N VAL A 104 -5.10 -6.45 27.95
CA VAL A 104 -4.29 -5.42 28.60
C VAL A 104 -5.07 -4.11 28.66
N ALA A 105 -5.76 -3.75 27.58
CA ALA A 105 -6.61 -2.56 27.59
C ALA A 105 -7.63 -2.63 28.71
N ALA A 106 -8.26 -3.79 28.92
CA ALA A 106 -9.23 -3.95 29.99
C ALA A 106 -8.61 -3.82 31.37
N CYS A 107 -7.29 -3.97 31.50
CA CYS A 107 -6.61 -3.82 32.80
C CYS A 107 -5.99 -2.44 32.99
N GLY A 108 -6.23 -1.51 32.08
CA GLY A 108 -5.77 -0.14 32.23
C GLY A 108 -4.62 0.28 31.34
N GLY A 109 -4.21 -0.53 30.38
CA GLY A 109 -3.16 -0.15 29.46
C GLY A 109 -3.72 0.46 28.19
N TYR A 110 -2.85 1.11 27.44
CA TYR A 110 -3.18 1.67 26.13
C TYR A 110 -2.27 1.04 25.10
N VAL A 111 -2.86 0.37 24.12
CA VAL A 111 -2.16 -0.58 23.27
C VAL A 111 -2.31 -0.17 21.81
N PRO A 112 -1.41 0.64 21.29
CA PRO A 112 -1.46 1.10 19.89
C PRO A 112 -0.76 0.12 18.95
N MET A 113 -1.45 -0.96 18.61
CA MET A 113 -0.85 -2.07 17.87
C MET A 113 -0.78 -1.73 16.39
N ILE A 114 0.37 -1.24 15.94
CA ILE A 114 0.61 -1.04 14.52
C ILE A 114 1.39 -2.24 14.00
N SER A 115 0.80 -2.98 13.07
CA SER A 115 1.37 -4.25 12.64
C SER A 115 1.37 -4.31 11.11
N GLY A 116 1.45 -5.53 10.58
CA GLY A 116 1.58 -5.73 9.14
C GLY A 116 0.87 -6.92 8.54
N ARG A 117 1.32 -7.31 7.34
CA ARG A 117 0.70 -8.31 6.48
C ARG A 117 1.44 -9.65 6.59
N GLY A 118 1.25 -10.51 5.59
CA GLY A 118 1.70 -11.90 5.60
C GLY A 118 3.19 -12.14 5.79
N LEU A 119 3.98 -11.92 4.73
CA LEU A 119 5.42 -12.11 4.76
C LEU A 119 5.83 -13.58 4.86
N GLY A 120 5.50 -14.37 3.83
CA GLY A 120 6.27 -15.56 3.52
C GLY A 120 5.93 -16.85 4.20
N HIS A 121 4.71 -16.98 4.77
CA HIS A 121 4.02 -18.20 5.23
C HIS A 121 3.32 -17.94 6.56
N THR A 122 3.97 -17.23 7.47
CA THR A 122 3.31 -16.78 8.69
C THR A 122 2.26 -15.73 8.34
N GLY A 123 1.15 -15.74 9.05
CA GLY A 123 0.01 -14.91 8.70
C GLY A 123 0.04 -13.57 9.43
N GLY A 124 -0.12 -12.49 8.66
CA GLY A 124 -0.12 -11.17 9.26
C GLY A 124 -1.42 -10.86 9.98
N THR A 125 -1.29 -10.15 11.11
CA THR A 125 -2.46 -9.82 11.93
C THR A 125 -3.48 -8.98 11.18
N LEU A 126 -3.01 -8.05 10.33
CA LEU A 126 -3.95 -7.18 9.62
C LEU A 126 -4.86 -8.00 8.70
N ASP A 127 -4.30 -8.98 7.99
CA ASP A 127 -5.11 -9.79 7.10
C ASP A 127 -6.17 -10.57 7.88
N LYS A 128 -5.83 -11.01 9.09
CA LYS A 128 -6.80 -11.75 9.89
C LYS A 128 -7.99 -10.87 10.22
N LEU A 129 -7.73 -9.63 10.67
CA LEU A 129 -8.83 -8.73 11.02
C LEU A 129 -9.66 -8.32 9.80
N GLU A 130 -9.05 -8.30 8.62
CA GLU A 130 -9.84 -7.93 7.45
C GLU A 130 -10.80 -9.04 7.03
N ALA A 131 -10.75 -10.21 7.66
CA ALA A 131 -11.83 -11.16 7.48
C ALA A 131 -13.15 -10.64 8.04
N ILE A 132 -13.10 -9.66 8.92
CA ILE A 132 -14.31 -9.05 9.48
C ILE A 132 -14.87 -8.04 8.48
N PRO A 133 -16.08 -8.23 7.96
CA PRO A 133 -16.64 -7.25 7.03
C PRO A 133 -16.73 -5.90 7.69
N GLY A 134 -16.33 -4.87 6.95
CA GLY A 134 -16.37 -3.52 7.44
C GLY A 134 -15.15 -3.09 8.23
N PHE A 135 -14.39 -4.04 8.77
CA PHE A 135 -13.26 -3.66 9.62
C PHE A 135 -12.23 -2.85 8.83
N ASP A 136 -11.79 -1.73 9.41
CA ASP A 136 -10.94 -0.76 8.73
C ASP A 136 -9.57 -0.70 9.42
N ILE A 137 -8.54 -1.21 8.75
CA ILE A 137 -7.20 -1.23 9.32
C ILE A 137 -6.42 0.07 9.09
N PHE A 138 -7.02 1.08 8.47
CA PHE A 138 -6.34 2.34 8.15
C PHE A 138 -7.11 3.57 8.62
N PRO A 139 -7.46 3.66 9.90
CA PRO A 139 -8.03 4.91 10.38
C PRO A 139 -6.99 6.02 10.28
N ASP A 140 -7.47 7.24 10.04
CA ASP A 140 -6.57 8.39 10.16
C ASP A 140 -6.25 8.59 11.63
N ASP A 141 -5.07 9.12 11.91
CA ASP A 141 -4.57 9.07 13.28
C ASP A 141 -5.36 9.93 14.25
N ASN A 142 -6.23 10.82 13.78
CA ASN A 142 -7.18 11.44 14.71
C ASN A 142 -8.23 10.43 15.17
N ARG A 143 -8.69 9.59 14.25
CA ARG A 143 -9.54 8.46 14.62
C ARG A 143 -8.76 7.44 15.46
N PHE A 144 -7.53 7.12 15.03
CA PHE A 144 -6.66 6.24 15.80
C PHE A 144 -6.53 6.72 17.23
N ARG A 145 -6.15 7.99 17.41
CA ARG A 145 -5.98 8.53 18.76
C ARG A 145 -7.27 8.47 19.54
N GLU A 146 -8.40 8.74 18.87
CA GLU A 146 -9.69 8.67 19.55
C GLU A 146 -9.97 7.25 20.03
N ILE A 147 -9.70 6.26 19.19
CA ILE A 147 -9.95 4.87 19.57
C ILE A 147 -9.08 4.47 20.74
N ILE A 148 -7.80 4.83 20.70
CA ILE A 148 -6.92 4.53 21.83
C ILE A 148 -7.44 5.19 23.10
N GLN A 149 -7.86 6.45 23.00
CA GLN A 149 -8.37 7.15 24.16
C GLN A 149 -9.65 6.49 24.69
N ASP A 150 -10.54 6.06 23.78
CA ASP A 150 -11.85 5.60 24.21
C ASP A 150 -11.89 4.09 24.51
N VAL A 151 -11.22 3.27 23.70
CA VAL A 151 -11.31 1.82 23.83
C VAL A 151 -10.07 1.28 24.53
N GLY A 152 -8.93 1.94 24.35
CA GLY A 152 -7.68 1.49 24.92
C GLY A 152 -6.81 0.63 24.02
N VAL A 153 -7.32 0.25 22.85
CA VAL A 153 -6.58 -0.60 21.92
C VAL A 153 -7.14 -0.37 20.52
N ALA A 154 -6.26 -0.45 19.53
CA ALA A 154 -6.59 -0.41 18.10
C ALA A 154 -5.50 -1.17 17.36
N ILE A 155 -5.89 -1.83 16.27
CA ILE A 155 -4.97 -2.62 15.49
C ILE A 155 -5.03 -2.09 14.06
N ILE A 156 -3.96 -1.42 13.63
CA ILE A 156 -3.97 -0.67 12.39
C ILE A 156 -2.71 -0.97 11.60
N GLY A 157 -2.68 -0.47 10.36
CA GLY A 157 -1.53 -0.70 9.50
C GLY A 157 -0.86 0.52 8.90
N GLN A 158 -1.14 1.73 9.41
CA GLN A 158 -0.43 2.90 8.89
C GLN A 158 1.04 2.87 9.30
N THR A 159 1.87 2.22 8.47
CA THR A 159 3.28 1.98 8.80
C THR A 159 4.25 2.73 7.90
N SER A 160 3.77 3.47 6.89
CA SER A 160 4.66 3.98 5.84
C SER A 160 5.65 5.01 6.40
N SER A 161 5.17 5.94 7.22
CA SER A 161 6.02 6.97 7.78
C SER A 161 6.74 6.53 9.05
N LEU A 162 6.79 5.22 9.34
CA LEU A 162 7.43 4.69 10.53
C LEU A 162 8.78 4.10 10.14
N ALA A 163 9.83 4.59 10.80
CA ALA A 163 11.19 4.11 10.57
C ALA A 163 11.50 3.88 9.10
N PRO A 164 11.27 4.87 8.22
CA PRO A 164 11.45 4.60 6.79
C PRO A 164 12.90 4.31 6.40
N ALA A 165 13.89 4.75 7.18
CA ALA A 165 15.28 4.45 6.83
C ALA A 165 15.55 2.95 6.81
N ASP A 166 14.81 2.17 7.61
CA ASP A 166 14.99 0.72 7.60
C ASP A 166 14.74 0.14 6.22
N LYS A 167 13.87 0.77 5.42
CA LYS A 167 13.50 0.23 4.12
C LYS A 167 14.72 0.14 3.20
N ARG A 168 15.33 1.28 2.90
CA ARG A 168 16.52 1.29 2.05
C ARG A 168 17.68 0.53 2.71
N PHE A 169 17.81 0.63 4.03
CA PHE A 169 18.90 -0.06 4.71
C PHE A 169 18.78 -1.57 4.57
N TYR A 170 17.58 -2.11 4.80
CA TYR A 170 17.39 -3.55 4.67
C TYR A 170 17.55 -4.00 3.22
N ALA A 171 17.03 -3.22 2.27
CA ALA A 171 17.15 -3.61 0.87
C ALA A 171 18.62 -3.79 0.47
N THR A 172 19.49 -2.89 0.91
CA THR A 172 20.91 -3.06 0.58
C THR A 172 21.51 -4.25 1.34
N ARG A 173 21.16 -4.40 2.62
CA ARG A 173 21.66 -5.53 3.40
C ARG A 173 21.32 -6.86 2.71
N ASP A 174 20.12 -6.94 2.10
CA ASP A 174 19.61 -8.21 1.58
C ASP A 174 20.21 -8.59 0.23
N ILE A 175 21.01 -7.74 -0.40
CA ILE A 175 21.75 -8.10 -1.61
C ILE A 175 23.25 -8.06 -1.40
N THR A 176 23.72 -7.73 -0.19
CA THR A 176 25.14 -7.63 0.10
C THR A 176 25.59 -8.55 1.24
N ALA A 177 24.75 -9.51 1.64
CA ALA A 177 25.09 -10.47 2.69
C ALA A 177 25.43 -9.76 4.00
N THR A 178 24.67 -8.72 4.32
CA THR A 178 24.78 -8.05 5.61
C THR A 178 23.44 -7.99 6.32
N VAL A 179 22.57 -8.99 6.09
CA VAL A 179 21.39 -9.15 6.93
C VAL A 179 21.78 -9.75 8.27
N ASP A 180 22.66 -10.74 8.26
CA ASP A 180 22.92 -11.59 9.42
C ASP A 180 23.89 -10.93 10.40
N SER A 181 23.42 -9.81 10.98
CA SER A 181 24.19 -9.07 11.98
C SER A 181 23.26 -8.66 13.11
N ILE A 182 23.58 -9.10 14.33
CA ILE A 182 22.70 -8.83 15.48
C ILE A 182 22.39 -7.35 15.66
N PRO A 183 23.35 -6.42 15.64
CA PRO A 183 22.97 -5.01 15.81
C PRO A 183 22.06 -4.50 14.70
N LEU A 184 22.26 -4.93 13.45
CA LEU A 184 21.37 -4.47 12.39
C LEU A 184 20.00 -5.12 12.51
N ILE A 185 19.96 -6.41 12.87
CA ILE A 185 18.68 -7.10 13.04
C ILE A 185 17.88 -6.45 14.16
N THR A 186 18.55 -6.17 15.29
CA THR A 186 17.88 -5.56 16.43
C THR A 186 17.28 -4.21 16.04
N GLY A 187 18.04 -3.43 15.28
CA GLY A 187 17.51 -2.16 14.78
C GLY A 187 16.27 -2.34 13.94
N SER A 188 16.28 -3.31 13.01
CA SER A 188 15.12 -3.54 12.16
C SER A 188 13.93 -4.05 12.96
N ILE A 189 14.19 -4.89 13.97
CA ILE A 189 13.08 -5.44 14.73
C ILE A 189 12.41 -4.36 15.56
N LEU A 190 13.19 -3.41 16.09
CA LEU A 190 12.66 -2.50 17.08
C LEU A 190 12.19 -1.15 16.55
N ALA A 191 12.77 -0.62 15.47
CA ALA A 191 12.57 0.80 15.18
C ALA A 191 11.09 1.15 15.02
N LYS A 192 10.35 0.33 14.27
CA LYS A 192 8.94 0.62 13.99
C LYS A 192 8.10 0.54 15.25
N LYS A 193 8.33 -0.49 16.08
CA LYS A 193 7.59 -0.58 17.34
C LYS A 193 7.89 0.61 18.23
N LEU A 194 9.16 0.98 18.36
CA LEU A 194 9.50 2.09 19.23
C LEU A 194 8.91 3.41 18.74
N ALA A 195 8.64 3.52 17.43
CA ALA A 195 8.00 4.73 16.90
C ALA A 195 6.58 4.89 17.38
N GLU A 196 6.01 3.89 18.05
CA GLU A 196 4.68 3.99 18.65
C GLU A 196 4.66 4.83 19.90
N GLY A 197 5.83 5.26 20.40
CA GLY A 197 5.91 6.07 21.61
C GLY A 197 5.58 5.32 22.90
N LEU A 198 6.16 4.13 23.05
CA LEU A 198 5.81 3.23 24.13
C LEU A 198 6.44 3.61 25.45
N ASP A 199 5.73 3.36 26.54
CA ASP A 199 6.35 3.31 27.85
C ASP A 199 6.96 1.95 28.10
N ALA A 200 6.32 0.89 27.60
CA ALA A 200 6.76 -0.47 27.86
C ALA A 200 6.51 -1.35 26.65
N LEU A 201 7.19 -2.48 26.64
CA LEU A 201 7.15 -3.40 25.52
C LEU A 201 7.49 -4.79 26.02
N VAL A 202 6.83 -5.80 25.49
CA VAL A 202 7.28 -7.17 25.68
C VAL A 202 7.59 -7.74 24.30
N MET A 203 8.70 -8.47 24.21
CA MET A 203 9.13 -9.08 22.97
C MET A 203 8.93 -10.59 23.06
N ASP A 204 8.24 -11.17 22.09
CA ASP A 204 8.01 -12.61 22.02
C ASP A 204 9.01 -13.16 21.01
N VAL A 205 10.05 -13.83 21.50
CA VAL A 205 11.02 -14.45 20.61
C VAL A 205 10.75 -15.94 20.60
N LYS A 206 10.38 -16.44 19.42
CA LYS A 206 10.06 -17.86 19.28
C LYS A 206 11.30 -18.73 19.37
N VAL A 207 11.05 -19.96 19.79
CA VAL A 207 12.01 -21.04 19.90
C VAL A 207 11.43 -22.23 19.15
N GLY A 208 12.26 -22.92 18.39
CA GLY A 208 11.85 -24.16 17.77
C GLY A 208 12.04 -24.15 16.27
N SER A 209 11.59 -25.26 15.67
CA SER A 209 11.69 -25.43 14.23
C SER A 209 10.93 -24.34 13.47
N GLY A 210 9.85 -23.83 14.04
CA GLY A 210 9.11 -22.79 13.33
C GLY A 210 9.51 -21.38 13.72
N ALA A 211 10.74 -21.18 14.16
CA ALA A 211 11.15 -19.89 14.70
C ALA A 211 12.06 -19.15 13.74
N PHE A 212 12.11 -17.83 13.94
CA PHE A 212 13.03 -16.97 13.20
C PHE A 212 14.48 -17.32 13.52
N MET A 213 14.81 -17.43 14.81
CA MET A 213 16.16 -17.94 15.07
C MET A 213 16.11 -19.46 15.15
N PRO A 214 17.14 -20.14 14.66
CA PRO A 214 17.04 -21.60 14.46
C PRO A 214 17.38 -22.45 15.68
N THR A 215 18.01 -21.89 16.70
CA THR A 215 18.39 -22.68 17.86
C THR A 215 17.92 -21.96 19.11
N TYR A 216 17.73 -22.72 20.19
CA TYR A 216 17.44 -22.12 21.48
C TYR A 216 18.46 -21.05 21.83
N GLU A 217 19.75 -21.40 21.70
CA GLU A 217 20.83 -20.47 22.03
C GLU A 217 20.71 -19.17 21.25
N LEU A 218 20.41 -19.27 19.95
CA LEU A 218 20.31 -18.06 19.14
C LEU A 218 19.02 -17.27 19.41
N SER A 219 17.92 -17.94 19.77
CA SER A 219 16.73 -17.19 20.21
C SER A 219 17.05 -16.40 21.47
N GLU A 220 17.74 -17.04 22.41
CA GLU A 220 18.03 -16.39 23.68
C GLU A 220 18.94 -15.19 23.46
N ALA A 221 19.97 -15.34 22.61
CA ALA A 221 20.88 -14.24 22.34
C ALA A 221 20.16 -13.08 21.68
N LEU A 222 19.27 -13.36 20.72
CA LEU A 222 18.51 -12.30 20.10
C LEU A 222 17.64 -11.57 21.11
N ALA A 223 17.01 -12.33 22.02
CA ALA A 223 16.12 -11.70 22.99
C ALA A 223 16.90 -10.79 23.93
N GLU A 224 18.07 -11.26 24.40
CA GLU A 224 18.89 -10.40 25.26
C GLU A 224 19.29 -9.13 24.52
N ALA A 225 19.63 -9.25 23.23
CA ALA A 225 20.04 -8.07 22.47
C ALA A 225 18.91 -7.07 22.35
N ILE A 226 17.70 -7.56 22.04
CA ILE A 226 16.53 -6.70 21.93
C ILE A 226 16.25 -6.04 23.28
N VAL A 227 16.29 -6.81 24.35
CA VAL A 227 16.02 -6.26 25.67
C VAL A 227 17.01 -5.15 26.01
N GLY A 228 18.30 -5.37 25.72
CA GLY A 228 19.30 -4.36 26.04
C GLY A 228 19.07 -3.08 25.28
N VAL A 229 18.79 -3.17 23.97
CA VAL A 229 18.59 -1.97 23.16
C VAL A 229 17.31 -1.25 23.56
N ALA A 230 16.20 -1.98 23.68
CA ALA A 230 14.91 -1.33 23.95
C ALA A 230 14.98 -0.53 25.26
N ASN A 231 15.51 -1.14 26.32
CA ASN A 231 15.64 -0.42 27.59
C ASN A 231 16.60 0.76 27.45
N GLY A 232 17.70 0.58 26.73
CA GLY A 232 18.60 1.70 26.46
C GLY A 232 17.92 2.82 25.70
N ALA A 233 16.95 2.49 24.84
CA ALA A 233 16.12 3.46 24.14
C ALA A 233 15.02 4.05 25.01
N GLY A 234 14.98 3.75 26.30
CA GLY A 234 14.02 4.39 27.17
C GLY A 234 12.67 3.73 27.27
N VAL A 235 12.53 2.49 26.80
CA VAL A 235 11.27 1.75 26.83
C VAL A 235 11.49 0.54 27.73
N ARG A 236 10.70 0.44 28.80
CA ARG A 236 10.81 -0.65 29.76
C ARG A 236 10.42 -1.95 29.09
N THR A 237 11.38 -2.86 28.91
CA THR A 237 11.23 -3.99 28.02
C THR A 237 11.71 -5.27 28.67
N THR A 238 10.95 -6.34 28.44
CA THR A 238 11.37 -7.71 28.72
C THR A 238 11.04 -8.55 27.49
N ALA A 239 11.56 -9.76 27.48
CA ALA A 239 11.29 -10.72 26.42
C ALA A 239 10.94 -12.06 27.04
N LEU A 240 10.11 -12.82 26.33
CA LEU A 240 9.81 -14.21 26.65
C LEU A 240 10.30 -15.05 25.48
N LEU A 241 10.94 -16.20 25.78
CA LEU A 241 11.12 -17.26 24.80
C LEU A 241 9.88 -18.17 24.84
N THR A 242 9.22 -18.36 23.70
CA THR A 242 8.00 -19.14 23.67
C THR A 242 8.09 -20.14 22.53
N ASP A 243 7.28 -21.20 22.63
CA ASP A 243 7.48 -22.37 21.80
C ASP A 243 6.77 -22.25 20.46
N MET A 244 7.49 -22.55 19.37
CA MET A 244 6.91 -22.67 18.04
C MET A 244 7.36 -23.97 17.37
N ASN A 245 7.28 -25.08 18.09
CA ASN A 245 7.46 -26.39 17.48
C ASN A 245 6.15 -26.99 16.94
N GLN A 246 5.07 -26.24 16.97
CA GLN A 246 3.79 -26.68 16.42
C GLN A 246 2.90 -25.44 16.30
N VAL A 247 1.72 -25.62 15.73
CA VAL A 247 0.80 -24.48 15.63
C VAL A 247 0.47 -24.02 17.04
N LEU A 248 0.42 -22.70 17.25
CA LEU A 248 0.20 -22.21 18.60
C LEU A 248 -1.28 -22.29 18.98
N ALA A 249 -2.12 -21.57 18.24
CA ALA A 249 -3.56 -21.75 18.39
C ALA A 249 -3.98 -23.10 17.82
N SER A 250 -5.27 -23.40 17.92
CA SER A 250 -5.85 -24.59 17.31
C SER A 250 -6.24 -24.35 15.86
N SER A 251 -5.97 -23.17 15.34
CA SER A 251 -6.38 -22.84 13.99
C SER A 251 -5.28 -22.03 13.32
N ALA A 252 -5.32 -22.05 12.00
CA ALA A 252 -4.38 -21.31 11.17
C ALA A 252 -5.16 -20.78 9.97
N GLY A 253 -5.09 -19.48 9.77
CA GLY A 253 -5.79 -18.87 8.69
C GLY A 253 -6.13 -17.45 9.05
N ASN A 254 -7.33 -17.02 8.65
CA ASN A 254 -7.76 -15.65 8.91
C ASN A 254 -9.06 -15.63 9.68
N ALA A 255 -10.20 -15.82 8.98
CA ALA A 255 -11.48 -15.91 9.70
C ALA A 255 -11.39 -16.91 10.84
N VAL A 256 -10.79 -18.07 10.58
CA VAL A 256 -10.74 -19.10 11.62
C VAL A 256 -9.98 -18.61 12.84
N GLU A 257 -8.92 -17.81 12.66
CA GLU A 257 -8.19 -17.32 13.82
C GLU A 257 -8.95 -16.21 14.53
N VAL A 258 -9.67 -15.36 13.80
CA VAL A 258 -10.52 -14.38 14.47
C VAL A 258 -11.53 -15.09 15.36
N ARG A 259 -12.14 -16.16 14.82
CA ARG A 259 -13.13 -16.92 15.59
C ARG A 259 -12.49 -17.49 16.85
N GLU A 260 -11.28 -18.02 16.73
CA GLU A 260 -10.60 -18.59 17.90
C GLU A 260 -10.33 -17.51 18.94
N ALA A 261 -9.94 -16.31 18.50
CA ALA A 261 -9.65 -15.23 19.43
C ALA A 261 -10.91 -14.80 20.18
N VAL A 262 -12.05 -14.68 19.49
CA VAL A 262 -13.28 -14.32 20.20
C VAL A 262 -13.64 -15.38 21.23
N GLN A 263 -13.62 -16.65 20.82
CA GLN A 263 -13.97 -17.74 21.74
C GLN A 263 -13.01 -17.83 22.91
N PHE A 264 -11.74 -17.44 22.71
CA PHE A 264 -10.79 -17.40 23.81
C PHE A 264 -11.20 -16.32 24.80
N LEU A 265 -11.47 -15.12 24.29
CA LEU A 265 -11.86 -14.02 25.15
C LEU A 265 -13.15 -14.32 25.90
N THR A 266 -14.10 -14.99 25.25
CA THR A 266 -15.37 -15.25 25.93
C THR A 266 -15.31 -16.46 26.85
N GLY A 267 -14.37 -17.37 26.63
CA GLY A 267 -14.33 -18.61 27.39
C GLY A 267 -14.97 -19.79 26.70
N GLU A 268 -15.46 -19.62 25.46
CA GLU A 268 -16.02 -20.76 24.74
C GLU A 268 -14.95 -21.79 24.41
N TYR A 269 -13.70 -21.37 24.15
CA TYR A 269 -12.59 -22.32 24.06
C TYR A 269 -11.27 -21.58 24.22
N ARG A 270 -10.39 -22.14 25.05
CA ARG A 270 -9.08 -21.56 25.34
C ARG A 270 -8.05 -22.67 25.15
N ASN A 271 -7.43 -22.71 23.98
CA ASN A 271 -6.32 -23.63 23.77
C ASN A 271 -5.32 -23.42 24.91
N PRO A 272 -4.91 -24.50 25.62
CA PRO A 272 -4.08 -24.29 26.81
C PRO A 272 -2.69 -23.74 26.51
N ARG A 273 -2.10 -24.09 25.36
CA ARG A 273 -0.80 -23.55 25.02
C ARG A 273 -0.90 -22.08 24.61
N LEU A 274 -1.87 -21.77 23.74
CA LEU A 274 -2.17 -20.38 23.42
C LEU A 274 -2.46 -19.57 24.67
N PHE A 275 -3.19 -20.15 25.62
CA PHE A 275 -3.48 -19.45 26.87
C PHE A 275 -2.19 -19.17 27.66
N ASP A 276 -1.34 -20.18 27.83
CA ASP A 276 -0.07 -20.00 28.54
C ASP A 276 0.74 -18.84 27.96
N VAL A 277 0.87 -18.79 26.63
CA VAL A 277 1.69 -17.78 25.97
C VAL A 277 1.05 -16.40 26.07
N THR A 278 -0.25 -16.33 25.71
CA THR A 278 -0.98 -15.07 25.85
C THR A 278 -0.89 -14.52 27.27
N MET A 279 -1.20 -15.34 28.27
CA MET A 279 -1.19 -14.84 29.64
C MET A 279 0.21 -14.36 30.03
N ALA A 280 1.23 -15.13 29.68
CA ALA A 280 2.60 -14.78 30.05
C ALA A 280 2.99 -13.44 29.43
N LEU A 281 2.65 -13.24 28.16
CA LEU A 281 2.98 -11.98 27.50
C LEU A 281 2.23 -10.82 28.14
N CYS A 282 0.94 -11.01 28.45
CA CYS A 282 0.16 -9.93 29.07
C CYS A 282 0.70 -9.57 30.44
N VAL A 283 1.15 -10.58 31.20
CA VAL A 283 1.75 -10.34 32.52
C VAL A 283 2.92 -9.39 32.41
N GLU A 284 3.85 -9.65 31.47
CA GLU A 284 5.00 -8.74 31.31
C GLU A 284 4.54 -7.32 31.04
N MET A 285 3.51 -7.16 30.21
CA MET A 285 3.02 -5.82 29.88
C MET A 285 2.48 -5.09 31.09
N LEU A 286 1.73 -5.80 31.96
CA LEU A 286 1.23 -5.15 33.17
C LEU A 286 2.37 -4.80 34.12
N ILE A 287 3.34 -5.71 34.29
CA ILE A 287 4.43 -5.40 35.21
C ILE A 287 5.27 -4.25 34.67
N SER A 288 5.75 -4.37 33.42
CA SER A 288 6.55 -3.29 32.84
C SER A 288 5.74 -2.01 32.74
N GLY A 289 4.45 -2.10 32.46
CA GLY A 289 3.64 -0.90 32.42
C GLY A 289 3.23 -0.37 33.79
N GLN A 290 3.61 -1.05 34.87
CA GLN A 290 3.38 -0.62 36.24
C GLN A 290 1.90 -0.64 36.58
N LEU A 291 1.18 -1.60 35.99
CA LEU A 291 -0.21 -1.89 36.30
C LEU A 291 -0.37 -3.06 37.26
N ALA A 292 0.71 -3.78 37.54
CA ALA A 292 0.73 -4.88 38.51
C ALA A 292 2.12 -4.96 39.11
N LYS A 293 2.18 -5.44 40.36
CA LYS A 293 3.47 -5.51 41.06
C LYS A 293 4.22 -6.79 40.72
N ASP A 294 3.52 -7.90 40.54
CA ASP A 294 4.21 -9.16 40.33
C ASP A 294 3.33 -10.06 39.48
N ASP A 295 3.84 -11.27 39.23
CA ASP A 295 3.14 -12.22 38.38
C ASP A 295 1.77 -12.56 38.93
N ALA A 296 1.68 -12.84 40.24
CA ALA A 296 0.39 -13.28 40.80
C ALA A 296 -0.66 -12.17 40.73
N GLU A 297 -0.27 -10.93 40.98
CA GLU A 297 -1.23 -9.84 40.85
C GLU A 297 -1.65 -9.67 39.40
N ALA A 298 -0.70 -9.77 38.46
CA ALA A 298 -1.06 -9.56 37.07
C ALA A 298 -1.99 -10.66 36.56
N ARG A 299 -1.71 -11.90 36.92
CA ARG A 299 -2.57 -12.99 36.45
C ARG A 299 -3.96 -12.88 37.01
N ALA A 300 -4.10 -12.42 38.27
CA ALA A 300 -5.43 -12.26 38.83
C ALA A 300 -6.22 -11.21 38.05
N LYS A 301 -5.60 -10.08 37.74
CA LYS A 301 -6.30 -9.04 36.99
C LYS A 301 -6.66 -9.53 35.59
N LEU A 302 -5.75 -10.23 34.94
CA LEU A 302 -6.01 -10.73 33.59
C LEU A 302 -7.11 -11.79 33.60
N GLN A 303 -7.03 -12.72 34.54
CA GLN A 303 -8.08 -13.74 34.61
C GLN A 303 -9.43 -13.12 34.92
N ALA A 304 -9.44 -12.03 35.70
CA ALA A 304 -10.70 -11.39 36.03
C ALA A 304 -11.38 -10.81 34.79
N VAL A 305 -10.62 -10.16 33.91
CA VAL A 305 -11.27 -9.57 32.73
C VAL A 305 -11.61 -10.61 31.68
N LEU A 306 -10.96 -11.79 31.71
CA LEU A 306 -11.46 -12.91 30.93
C LEU A 306 -12.77 -13.44 31.52
N ASP A 307 -12.86 -13.49 32.86
CA ASP A 307 -13.97 -14.17 33.53
C ASP A 307 -15.26 -13.36 33.49
N ASN A 308 -15.17 -12.04 33.64
CA ASN A 308 -16.36 -11.19 33.64
C ASN A 308 -16.68 -10.62 32.27
N GLY A 309 -16.01 -11.07 31.21
CA GLY A 309 -16.36 -10.62 29.87
C GLY A 309 -15.79 -9.28 29.45
N LYS A 310 -15.06 -8.59 30.32
CA LYS A 310 -14.58 -7.25 29.98
C LYS A 310 -13.61 -7.26 28.80
N ALA A 311 -12.72 -8.26 28.75
CA ALA A 311 -11.76 -8.34 27.65
C ALA A 311 -12.47 -8.60 26.33
N ALA A 312 -13.43 -9.53 26.32
CA ALA A 312 -14.24 -9.73 25.11
C ALA A 312 -14.95 -8.45 24.71
N GLU A 313 -15.43 -7.69 25.70
CA GLU A 313 -16.16 -6.46 25.37
C GLU A 313 -15.23 -5.40 24.79
N VAL A 314 -13.99 -5.29 25.29
CA VAL A 314 -13.04 -4.36 24.69
C VAL A 314 -12.80 -4.73 23.23
N PHE A 315 -12.62 -6.02 22.95
CA PHE A 315 -12.47 -6.45 21.56
C PHE A 315 -13.68 -6.05 20.73
N GLY A 316 -14.89 -6.30 21.25
CA GLY A 316 -16.08 -5.89 20.53
C GLY A 316 -16.12 -4.40 20.26
N ARG A 317 -15.80 -3.60 21.28
CA ARG A 317 -15.80 -2.15 21.09
C ARG A 317 -14.70 -1.71 20.13
N MET A 318 -13.58 -2.42 20.09
CA MET A 318 -12.55 -2.11 19.10
C MET A 318 -13.04 -2.43 17.69
N VAL A 319 -13.66 -3.59 17.52
CA VAL A 319 -14.20 -3.93 16.20
C VAL A 319 -15.21 -2.86 15.76
N ALA A 320 -16.07 -2.42 16.66
CA ALA A 320 -17.05 -1.40 16.28
C ALA A 320 -16.38 -0.05 16.01
N ALA A 321 -15.38 0.30 16.82
CA ALA A 321 -14.68 1.56 16.61
C ALA A 321 -13.98 1.60 15.27
N GLN A 322 -13.50 0.46 14.78
CA GLN A 322 -12.84 0.38 13.47
C GLN A 322 -13.81 -0.08 12.38
N LYS A 323 -15.11 0.18 12.58
CA LYS A 323 -16.16 0.12 11.57
C LYS A 323 -16.65 -1.30 11.25
N GLY A 324 -16.28 -2.31 12.05
CA GLY A 324 -16.96 -3.58 11.95
C GLY A 324 -18.36 -3.50 12.55
N PRO A 325 -19.06 -4.64 12.58
CA PRO A 325 -20.40 -4.64 13.20
C PRO A 325 -20.30 -4.53 14.72
N SER A 326 -21.27 -3.81 15.29
CA SER A 326 -21.31 -3.54 16.73
C SER A 326 -21.60 -4.78 17.55
N ASP A 327 -22.18 -5.81 16.96
CA ASP A 327 -22.56 -7.02 17.69
C ASP A 327 -21.69 -8.20 17.29
N PHE A 328 -20.42 -7.94 16.99
CA PHE A 328 -19.55 -8.98 16.45
C PHE A 328 -19.30 -10.08 17.46
N VAL A 329 -19.06 -9.73 18.73
CA VAL A 329 -18.72 -10.75 19.71
C VAL A 329 -19.87 -11.73 19.88
N GLU A 330 -21.09 -11.23 19.95
CA GLU A 330 -22.24 -12.11 20.14
C GLU A 330 -22.59 -12.88 18.85
N ASN A 331 -22.30 -12.33 17.67
CA ASN A 331 -22.77 -12.88 16.41
C ASN A 331 -21.67 -13.14 15.40
N TYR A 332 -20.48 -13.56 15.84
CA TYR A 332 -19.34 -13.65 14.92
C TYR A 332 -19.58 -14.63 13.78
N ASP A 333 -20.27 -15.75 14.03
CA ASP A 333 -20.53 -16.71 12.94
C ASP A 333 -21.45 -16.13 11.86
N LYS A 334 -22.27 -15.15 12.21
CA LYS A 334 -23.04 -14.44 11.19
C LYS A 334 -22.12 -13.68 10.24
N TYR A 335 -21.05 -13.08 10.76
CA TYR A 335 -20.25 -12.17 9.96
C TYR A 335 -19.01 -12.78 9.34
N LEU A 336 -18.37 -13.77 9.98
CA LEU A 336 -17.11 -14.30 9.42
C LEU A 336 -17.42 -15.19 8.24
N PRO A 337 -16.68 -15.05 7.14
CA PRO A 337 -16.96 -15.89 5.97
C PRO A 337 -16.65 -17.36 6.25
N THR A 338 -17.51 -18.21 5.72
CA THR A 338 -17.40 -19.65 5.87
C THR A 338 -16.91 -20.24 4.56
N ALA A 339 -16.00 -21.22 4.65
CA ALA A 339 -15.52 -21.89 3.45
C ALA A 339 -16.58 -22.82 2.89
N MET A 340 -16.48 -23.08 1.58
CA MET A 340 -17.48 -23.92 0.94
C MET A 340 -17.39 -25.36 1.43
N LEU A 341 -16.19 -25.82 1.77
CA LEU A 341 -15.98 -27.23 2.06
C LEU A 341 -15.17 -27.32 3.36
N SER A 342 -15.79 -27.87 4.39
CA SER A 342 -15.16 -28.10 5.68
C SER A 342 -15.18 -29.59 5.96
N LYS A 343 -14.00 -30.18 6.07
CA LYS A 343 -13.90 -31.62 6.14
C LYS A 343 -12.62 -31.99 6.88
N ALA A 344 -12.74 -32.95 7.81
CA ALA A 344 -11.57 -33.40 8.57
C ALA A 344 -10.62 -34.17 7.68
N VAL A 345 -9.33 -34.14 8.03
CA VAL A 345 -8.32 -34.90 7.32
C VAL A 345 -7.70 -35.89 8.30
N TYR A 346 -7.62 -37.16 7.89
CA TYR A 346 -7.13 -38.23 8.75
C TYR A 346 -5.78 -38.73 8.27
N ALA A 347 -4.98 -39.20 9.22
CA ALA A 347 -3.66 -39.73 8.87
C ALA A 347 -3.79 -41.11 8.23
N ASP A 348 -2.75 -41.47 7.47
CA ASP A 348 -2.72 -42.78 6.85
C ASP A 348 -2.43 -43.87 7.86
N THR A 349 -1.74 -43.52 8.94
CA THR A 349 -1.34 -44.49 9.95
C THR A 349 -1.86 -44.07 11.31
N GLU A 350 -1.73 -44.99 12.27
CA GLU A 350 -2.00 -44.72 13.67
C GLU A 350 -0.69 -44.44 14.41
N GLY A 351 -0.81 -43.71 15.50
CA GLY A 351 0.34 -43.41 16.34
C GLY A 351 0.15 -42.07 17.04
N PHE A 352 1.24 -41.61 17.67
CA PHE A 352 1.28 -40.33 18.35
C PHE A 352 1.93 -39.29 17.45
N ILE A 353 1.41 -38.06 17.48
CA ILE A 353 2.10 -36.96 16.80
C ILE A 353 3.40 -36.65 17.55
N SER A 354 4.53 -36.79 16.86
CA SER A 354 5.82 -36.50 17.45
C SER A 354 6.47 -35.23 16.91
N ALA A 355 6.08 -34.78 15.73
CA ALA A 355 6.68 -33.58 15.17
C ALA A 355 5.76 -33.02 14.10
N MET A 356 5.97 -31.75 13.79
CA MET A 356 5.09 -31.00 12.91
C MET A 356 5.92 -29.93 12.23
N ASP A 357 5.77 -29.78 10.91
CA ASP A 357 6.49 -28.76 10.16
C ASP A 357 5.58 -27.55 10.04
N THR A 358 5.81 -26.51 10.85
CA THR A 358 4.89 -25.39 10.84
C THR A 358 5.04 -24.53 9.59
N ARG A 359 6.26 -24.42 9.04
CA ARG A 359 6.39 -23.64 7.83
C ARG A 359 5.58 -24.27 6.70
N ALA A 360 5.64 -25.60 6.61
CA ALA A 360 4.88 -26.31 5.59
C ALA A 360 3.36 -26.17 5.82
N LEU A 361 2.90 -26.26 7.07
CA LEU A 361 1.47 -26.01 7.30
C LEU A 361 1.11 -24.59 6.91
N GLY A 362 1.97 -23.61 7.25
CA GLY A 362 1.71 -22.24 6.87
C GLY A 362 1.64 -22.07 5.37
N MET A 363 2.55 -22.72 4.64
CA MET A 363 2.50 -22.66 3.18
C MET A 363 1.27 -23.37 2.63
N ALA A 364 0.78 -24.41 3.30
CA ALA A 364 -0.45 -25.07 2.85
C ALA A 364 -1.63 -24.12 2.94
N VAL A 365 -1.71 -23.32 3.99
CA VAL A 365 -2.79 -22.33 4.10
C VAL A 365 -2.67 -21.31 2.98
N VAL A 366 -1.46 -20.83 2.73
CA VAL A 366 -1.24 -19.86 1.66
C VAL A 366 -1.71 -20.43 0.32
N SER A 367 -1.31 -21.69 0.02
CA SER A 367 -1.71 -22.31 -1.24
C SER A 367 -3.21 -22.47 -1.36
N MET A 368 -3.91 -22.67 -0.24
CA MET A 368 -5.36 -22.74 -0.28
C MET A 368 -6.03 -21.42 -0.64
N GLY A 369 -5.28 -20.32 -0.63
CA GLY A 369 -5.84 -18.99 -0.79
C GLY A 369 -5.83 -18.15 0.47
N GLY A 370 -5.37 -18.71 1.60
CA GLY A 370 -5.35 -18.01 2.87
C GLY A 370 -4.20 -17.04 3.07
N GLY A 371 -3.38 -16.84 2.05
CA GLY A 371 -2.26 -15.92 2.12
C GLY A 371 -1.87 -15.55 0.71
N ARG A 372 -0.89 -14.67 0.59
CA ARG A 372 -0.51 -14.10 -0.70
C ARG A 372 0.79 -14.74 -1.19
N ARG A 373 0.73 -15.37 -2.37
CA ARG A 373 1.96 -15.75 -3.07
C ARG A 373 2.71 -14.52 -3.55
N GLN A 374 1.99 -13.57 -4.14
CA GLN A 374 2.49 -12.27 -4.54
C GLN A 374 1.66 -11.20 -3.84
N ALA A 375 2.24 -10.00 -3.71
CA ALA A 375 1.55 -8.94 -2.98
C ALA A 375 0.27 -8.51 -3.70
N SER A 376 0.18 -8.71 -5.01
CA SER A 376 -1.01 -8.32 -5.74
C SER A 376 -2.16 -9.29 -5.54
N ASP A 377 -1.92 -10.44 -4.90
CA ASP A 377 -2.98 -11.43 -4.70
C ASP A 377 -4.06 -10.93 -3.75
N THR A 378 -5.24 -11.53 -3.89
CA THR A 378 -6.34 -11.35 -2.96
C THR A 378 -6.46 -12.59 -2.09
N ILE A 379 -6.77 -12.39 -0.81
CA ILE A 379 -6.91 -13.47 0.16
C ILE A 379 -8.35 -13.98 0.19
N ASP A 380 -8.52 -15.30 0.19
CA ASP A 380 -9.79 -15.90 0.60
C ASP A 380 -9.72 -16.04 2.12
N TYR A 381 -10.53 -15.26 2.83
CA TYR A 381 -10.42 -15.16 4.28
C TYR A 381 -11.05 -16.34 5.01
N SER A 382 -11.82 -17.18 4.31
CA SER A 382 -12.53 -18.28 4.95
C SER A 382 -11.70 -19.55 5.07
N VAL A 383 -10.64 -19.70 4.30
CA VAL A 383 -9.95 -20.98 4.25
C VAL A 383 -8.93 -21.07 5.37
N GLY A 384 -8.60 -22.30 5.74
CA GLY A 384 -7.55 -22.56 6.72
C GLY A 384 -7.83 -23.87 7.45
N PHE A 385 -7.19 -24.01 8.62
CA PHE A 385 -7.32 -25.21 9.45
C PHE A 385 -7.97 -24.86 10.78
N THR A 386 -8.79 -25.77 11.30
CA THR A 386 -9.20 -25.68 12.69
C THR A 386 -8.99 -27.05 13.33
N ASP A 387 -9.26 -27.12 14.64
CA ASP A 387 -9.20 -28.39 15.33
C ASP A 387 -7.85 -29.07 15.15
N MET A 388 -6.78 -28.27 15.13
CA MET A 388 -5.43 -28.83 14.92
C MET A 388 -5.11 -29.87 15.98
N ALA A 389 -4.65 -31.03 15.53
CA ALA A 389 -4.08 -31.94 16.52
C ALA A 389 -2.76 -31.35 17.03
N ARG A 390 -2.33 -31.83 18.19
CA ARG A 390 -1.13 -31.29 18.84
C ARG A 390 -0.11 -32.37 19.07
N LEU A 391 1.15 -31.95 19.25
CA LEU A 391 2.22 -32.86 19.63
C LEU A 391 1.77 -33.71 20.81
N GLY A 392 1.99 -35.02 20.71
CA GLY A 392 1.57 -35.94 21.75
C GLY A 392 0.19 -36.54 21.58
N ASP A 393 -0.64 -36.02 20.68
CA ASP A 393 -1.99 -36.56 20.55
C ASP A 393 -1.97 -37.97 19.94
N SER A 394 -2.93 -38.79 20.36
CA SER A 394 -3.20 -40.09 19.74
C SER A 394 -3.97 -39.90 18.45
N ILE A 395 -3.49 -40.50 17.38
CA ILE A 395 -4.08 -40.33 16.05
C ILE A 395 -4.48 -41.71 15.52
N ASP A 396 -5.78 -41.89 15.29
CA ASP A 396 -6.27 -43.10 14.64
C ASP A 396 -7.36 -42.67 13.66
N GLY A 397 -8.16 -43.63 13.20
CA GLY A 397 -9.18 -43.34 12.21
C GLY A 397 -10.28 -42.44 12.75
N GLN A 398 -10.49 -42.43 14.06
CA GLN A 398 -11.52 -41.61 14.68
C GLN A 398 -11.00 -40.27 15.18
N ARG A 399 -9.72 -39.97 14.98
CA ARG A 399 -9.13 -38.76 15.54
C ARG A 399 -8.36 -38.03 14.43
N PRO A 400 -8.93 -36.98 13.86
CA PRO A 400 -8.33 -36.36 12.68
C PRO A 400 -7.12 -35.51 13.03
N LEU A 401 -6.34 -35.21 12.00
CA LEU A 401 -5.19 -34.33 12.15
C LEU A 401 -5.59 -32.87 12.27
N ALA A 402 -6.73 -32.51 11.69
CA ALA A 402 -7.22 -31.15 11.56
C ALA A 402 -8.51 -31.22 10.77
N VAL A 403 -9.29 -30.14 10.84
CA VAL A 403 -10.40 -29.90 9.93
C VAL A 403 -9.92 -28.85 8.93
N ILE A 404 -10.01 -29.17 7.65
CA ILE A 404 -9.57 -28.26 6.58
C ILE A 404 -10.78 -27.54 6.02
N HIS A 405 -10.73 -26.20 6.02
CA HIS A 405 -11.78 -25.37 5.42
C HIS A 405 -11.25 -24.87 4.09
N ALA A 406 -11.89 -25.30 3.01
CA ALA A 406 -11.38 -25.02 1.67
C ALA A 406 -12.48 -24.47 0.77
N LYS A 407 -12.06 -23.83 -0.30
CA LYS A 407 -12.98 -23.22 -1.23
C LYS A 407 -13.56 -24.22 -2.24
N ASP A 408 -12.97 -25.41 -2.39
CA ASP A 408 -13.49 -26.43 -3.28
C ASP A 408 -12.73 -27.73 -3.03
N GLU A 409 -13.18 -28.80 -3.69
CA GLU A 409 -12.65 -30.14 -3.42
C GLU A 409 -11.22 -30.31 -3.93
N ALA A 410 -10.86 -29.67 -5.04
CA ALA A 410 -9.50 -29.82 -5.55
C ALA A 410 -8.49 -29.23 -4.58
N SER A 411 -8.72 -28.01 -4.09
CA SER A 411 -7.80 -27.42 -3.13
C SER A 411 -7.88 -28.10 -1.77
N TRP A 412 -9.05 -28.65 -1.41
CA TRP A 412 -9.12 -29.45 -0.18
C TRP A 412 -8.19 -30.65 -0.27
N GLN A 413 -8.24 -31.36 -1.39
CA GLN A 413 -7.42 -32.56 -1.50
C GLN A 413 -5.94 -32.19 -1.47
N GLU A 414 -5.61 -31.06 -2.09
CA GLU A 414 -4.22 -30.61 -2.09
C GLU A 414 -3.76 -30.23 -0.69
N ALA A 415 -4.62 -29.59 0.10
CA ALA A 415 -4.25 -29.23 1.47
C ALA A 415 -4.11 -30.48 2.35
N ALA A 416 -4.95 -31.49 2.13
CA ALA A 416 -4.88 -32.71 2.93
C ALA A 416 -3.56 -33.42 2.73
N LYS A 417 -3.11 -33.52 1.48
CA LYS A 417 -1.81 -34.11 1.21
C LYS A 417 -0.71 -33.34 1.93
N ALA A 418 -0.79 -32.01 1.88
CA ALA A 418 0.24 -31.18 2.53
C ALA A 418 0.20 -31.35 4.04
N VAL A 419 -0.99 -31.44 4.63
CA VAL A 419 -1.09 -31.58 6.08
C VAL A 419 -0.54 -32.94 6.52
N LYS A 420 -0.97 -34.02 5.84
CA LYS A 420 -0.48 -35.34 6.19
C LYS A 420 1.04 -35.41 6.07
N ALA A 421 1.60 -34.73 5.08
CA ALA A 421 3.05 -34.82 4.88
C ALA A 421 3.80 -34.01 5.92
N ALA A 422 3.18 -32.97 6.48
CA ALA A 422 3.82 -32.08 7.43
C ALA A 422 3.81 -32.59 8.86
N ILE A 423 3.10 -33.68 9.14
CA ILE A 423 2.91 -34.17 10.50
C ILE A 423 3.48 -35.58 10.59
N ILE A 424 4.30 -35.80 11.59
CA ILE A 424 5.03 -37.04 11.75
C ILE A 424 4.45 -37.80 12.92
N LEU A 425 4.02 -39.03 12.67
CA LEU A 425 3.55 -39.93 13.70
C LEU A 425 4.67 -40.85 14.17
N ASP A 426 4.49 -41.40 15.36
CA ASP A 426 5.48 -42.34 15.89
C ASP A 426 4.77 -43.28 16.86
N ASP A 427 5.37 -44.46 17.05
CA ASP A 427 4.73 -45.49 17.87
C ASP A 427 4.73 -45.11 19.35
N LYS A 428 5.79 -44.45 19.81
CA LYS A 428 5.84 -44.01 21.19
C LYS A 428 5.61 -42.50 21.29
N ALA A 429 4.94 -42.12 22.36
CA ALA A 429 4.57 -40.73 22.54
C ALA A 429 5.83 -39.90 22.79
N PRO A 430 5.90 -38.68 22.24
CA PRO A 430 7.03 -37.80 22.54
C PRO A 430 6.93 -37.27 23.95
N ALA A 431 7.96 -36.54 24.35
CA ALA A 431 7.93 -35.84 25.62
C ALA A 431 7.34 -34.45 25.44
N SER A 432 6.84 -33.90 26.53
CA SER A 432 6.25 -32.57 26.48
C SER A 432 7.31 -31.51 26.73
N THR A 433 7.01 -30.30 26.31
CA THR A 433 7.92 -29.17 26.47
C THR A 433 7.07 -27.99 26.93
N PRO A 434 7.68 -27.00 27.57
CA PRO A 434 6.94 -25.78 27.92
C PRO A 434 6.42 -25.07 26.69
N SER A 435 5.32 -24.35 26.87
CA SER A 435 4.91 -23.34 25.89
C SER A 435 5.67 -22.04 26.07
N VAL A 436 6.03 -21.72 27.31
CA VAL A 436 6.78 -20.52 27.64
C VAL A 436 8.08 -20.96 28.30
N TYR A 437 9.20 -20.46 27.81
CA TYR A 437 10.48 -20.83 28.39
C TYR A 437 10.99 -19.72 29.29
N ARG A 438 12.12 -19.11 28.94
CA ARG A 438 12.77 -18.13 29.81
C ARG A 438 12.14 -16.75 29.69
N ARG A 439 12.01 -16.08 30.82
CA ARG A 439 11.71 -14.66 30.88
C ARG A 439 13.02 -13.87 31.00
N ILE A 440 13.21 -12.89 30.12
CA ILE A 440 14.48 -12.19 30.02
C ILE A 440 14.27 -10.72 30.37
N THR A 441 14.99 -10.25 31.38
CA THR A 441 14.95 -8.87 31.84
C THR A 441 16.31 -8.21 31.65
N GLU A 442 16.35 -6.89 31.75
CA GLU A 442 17.59 -6.16 31.48
C GLU A 442 18.62 -6.34 32.58
N MET B 3 -35.75 -10.64 -15.16
CA MET B 3 -35.99 -9.64 -14.13
C MET B 3 -35.31 -10.00 -12.80
N PHE B 4 -35.96 -10.95 -12.12
CA PHE B 4 -35.83 -11.30 -10.72
C PHE B 4 -34.39 -11.51 -10.21
N LEU B 5 -33.48 -11.89 -11.10
CA LEU B 5 -32.18 -12.38 -10.67
C LEU B 5 -31.39 -11.29 -9.93
N ALA B 6 -31.64 -10.03 -10.26
CA ALA B 6 -30.85 -8.93 -9.70
C ALA B 6 -30.95 -8.90 -8.18
N GLN B 7 -32.16 -9.05 -7.63
CA GLN B 7 -32.29 -9.03 -6.18
C GLN B 7 -31.65 -10.27 -5.56
N GLU B 8 -31.73 -11.40 -6.25
CA GLU B 8 -31.07 -12.60 -5.74
C GLU B 8 -29.56 -12.41 -5.71
N ILE B 9 -29.02 -11.72 -6.73
CA ILE B 9 -27.58 -11.46 -6.74
C ILE B 9 -27.20 -10.55 -5.59
N ILE B 10 -27.99 -9.50 -5.35
CA ILE B 10 -27.77 -8.61 -4.21
C ILE B 10 -27.81 -9.39 -2.90
N ARG B 11 -28.84 -10.23 -2.73
CA ARG B 11 -28.99 -10.97 -1.48
C ARG B 11 -27.80 -11.90 -1.26
N LYS B 12 -27.31 -12.53 -2.33
CA LYS B 12 -26.18 -13.44 -2.22
C LYS B 12 -24.95 -12.71 -1.67
N LYS B 13 -24.67 -11.51 -2.19
CA LYS B 13 -23.49 -10.76 -1.76
C LYS B 13 -23.72 -10.13 -0.40
N ARG B 14 -24.96 -9.71 -0.11
CA ARG B 14 -25.31 -9.21 1.22
C ARG B 14 -24.97 -10.23 2.30
N ASP B 15 -25.18 -11.52 2.01
CA ASP B 15 -24.92 -12.60 2.95
C ASP B 15 -23.46 -12.99 2.98
N GLY B 16 -22.60 -12.29 2.25
CA GLY B 16 -21.17 -12.56 2.26
C GLY B 16 -20.70 -13.62 1.31
N HIS B 17 -21.50 -14.02 0.33
CA HIS B 17 -21.08 -15.05 -0.60
C HIS B 17 -20.53 -14.45 -1.88
N ALA B 18 -19.66 -15.20 -2.55
CA ALA B 18 -19.03 -14.73 -3.77
C ALA B 18 -19.98 -14.88 -4.96
N LEU B 19 -19.97 -13.90 -5.85
CA LEU B 19 -20.77 -13.96 -7.07
C LEU B 19 -19.98 -14.66 -8.17
N SER B 20 -20.69 -15.37 -9.02
CA SER B 20 -20.04 -16.06 -10.13
C SER B 20 -19.89 -15.10 -11.31
N ASP B 21 -19.09 -15.54 -12.29
CA ASP B 21 -18.90 -14.74 -13.49
C ASP B 21 -20.22 -14.50 -14.20
N GLU B 22 -21.06 -15.55 -14.31
CA GLU B 22 -22.36 -15.40 -14.93
C GLU B 22 -23.19 -14.34 -14.22
N GLU B 23 -23.19 -14.35 -12.89
CA GLU B 23 -24.00 -13.38 -12.15
C GLU B 23 -23.47 -11.97 -12.35
N ILE B 24 -22.15 -11.79 -12.32
CA ILE B 24 -21.57 -10.46 -12.51
C ILE B 24 -21.85 -9.94 -13.91
N ARG B 25 -21.69 -10.79 -14.92
CA ARG B 25 -21.94 -10.33 -16.29
C ARG B 25 -23.41 -9.98 -16.48
N PHE B 26 -24.31 -10.78 -15.91
CA PHE B 26 -25.72 -10.44 -15.92
C PHE B 26 -25.94 -9.05 -15.35
N PHE B 27 -25.40 -8.80 -14.16
CA PHE B 27 -25.68 -7.54 -13.47
C PHE B 27 -25.11 -6.35 -14.23
N ILE B 28 -23.89 -6.49 -14.74
CA ILE B 28 -23.26 -5.38 -15.47
C ILE B 28 -24.04 -5.06 -16.74
N ASN B 29 -24.42 -6.10 -17.49
CA ASN B 29 -25.24 -5.87 -18.68
C ASN B 29 -26.56 -5.21 -18.33
N GLY B 30 -27.17 -5.61 -17.19
CA GLY B 30 -28.40 -4.96 -16.76
C GLY B 30 -28.20 -3.49 -16.43
N ILE B 31 -27.03 -3.15 -15.89
CA ILE B 31 -26.70 -1.75 -15.66
C ILE B 31 -26.62 -1.01 -16.99
N ARG B 32 -25.93 -1.62 -17.96
CA ARG B 32 -25.76 -1.00 -19.26
C ARG B 32 -27.09 -0.87 -19.99
N ASP B 33 -27.90 -1.94 -20.00
CA ASP B 33 -29.21 -1.95 -20.65
C ASP B 33 -30.26 -1.14 -19.92
N ASN B 34 -29.96 -0.62 -18.73
CA ASN B 34 -30.90 0.16 -17.93
C ASN B 34 -32.12 -0.66 -17.52
N THR B 35 -31.94 -1.98 -17.37
CA THR B 35 -32.99 -2.86 -16.87
C THR B 35 -32.80 -3.20 -15.39
N ILE B 36 -31.77 -2.68 -14.75
CA ILE B 36 -31.56 -2.80 -13.31
C ILE B 36 -31.63 -1.40 -12.72
N SER B 37 -32.46 -1.21 -11.70
CA SER B 37 -32.77 0.13 -11.25
C SER B 37 -31.61 0.70 -10.41
N GLU B 38 -31.66 2.02 -10.23
CA GLU B 38 -30.65 2.70 -9.43
C GLU B 38 -30.58 2.14 -8.01
N GLY B 39 -31.72 1.81 -7.42
CA GLY B 39 -31.72 1.21 -6.10
C GLY B 39 -30.96 -0.10 -6.06
N GLN B 40 -31.17 -0.96 -7.05
CA GLN B 40 -30.49 -2.24 -7.06
C GLN B 40 -28.98 -2.11 -7.32
N ILE B 41 -28.58 -1.14 -8.14
CA ILE B 41 -27.17 -0.84 -8.32
C ILE B 41 -26.54 -0.44 -6.99
N ALA B 42 -27.17 0.49 -6.29
CA ALA B 42 -26.59 1.02 -5.06
C ALA B 42 -26.50 -0.05 -3.98
N ALA B 43 -27.56 -0.86 -3.83
CA ALA B 43 -27.51 -1.96 -2.88
C ALA B 43 -26.34 -2.89 -3.15
N LEU B 44 -26.16 -3.28 -4.41
CA LEU B 44 -25.07 -4.20 -4.71
C LEU B 44 -23.75 -3.52 -4.38
N ALA B 45 -23.63 -2.23 -4.71
CA ALA B 45 -22.39 -1.51 -4.40
C ALA B 45 -22.13 -1.49 -2.90
N MET B 46 -23.18 -1.29 -2.08
CA MET B 46 -22.96 -1.26 -0.64
C MET B 46 -22.59 -2.65 -0.10
N THR B 47 -23.19 -3.72 -0.65
CA THR B 47 -22.74 -5.06 -0.25
C THR B 47 -21.28 -5.28 -0.61
N ILE B 48 -20.83 -4.74 -1.75
CA ILE B 48 -19.42 -4.88 -2.12
C ILE B 48 -18.54 -4.04 -1.19
N PHE B 49 -19.00 -2.85 -0.83
CA PHE B 49 -18.24 -2.04 0.09
C PHE B 49 -18.01 -2.78 1.40
N PHE B 50 -19.04 -3.46 1.93
CA PHE B 50 -18.85 -4.16 3.21
C PHE B 50 -18.07 -5.46 3.05
N HIS B 51 -18.31 -6.25 2.00
CA HIS B 51 -17.73 -7.59 1.92
C HIS B 51 -16.60 -7.76 0.91
N ASP B 52 -16.31 -6.74 0.10
CA ASP B 52 -15.21 -6.79 -0.87
C ASP B 52 -15.44 -7.86 -1.92
N MET B 53 -14.40 -8.23 -2.67
CA MET B 53 -14.53 -9.18 -3.76
C MET B 53 -13.24 -9.97 -3.89
N THR B 54 -13.37 -11.25 -4.22
CA THR B 54 -12.20 -12.08 -4.51
C THR B 54 -11.60 -11.67 -5.85
N MET B 55 -10.37 -12.13 -6.11
CA MET B 55 -9.74 -11.84 -7.40
C MET B 55 -10.57 -12.36 -8.58
N PRO B 56 -11.10 -13.59 -8.57
CA PRO B 56 -12.01 -13.98 -9.66
C PRO B 56 -13.21 -13.05 -9.83
N GLU B 57 -13.82 -12.59 -8.74
CA GLU B 57 -14.92 -11.64 -8.87
C GLU B 57 -14.45 -10.31 -9.45
N ARG B 58 -13.29 -9.82 -8.97
CA ARG B 58 -12.75 -8.55 -9.48
C ARG B 58 -12.47 -8.64 -10.97
N VAL B 59 -11.87 -9.74 -11.41
CA VAL B 59 -11.59 -9.95 -12.83
C VAL B 59 -12.89 -9.99 -13.62
N SER B 60 -13.86 -10.80 -13.17
CA SER B 60 -15.16 -10.87 -13.83
C SER B 60 -15.80 -9.49 -13.93
N LEU B 61 -15.77 -8.74 -12.83
CA LEU B 61 -16.36 -7.40 -12.83
C LEU B 61 -15.67 -6.51 -13.86
N THR B 62 -14.33 -6.51 -13.87
CA THR B 62 -13.61 -5.63 -14.77
C THR B 62 -13.82 -6.02 -16.23
N MET B 63 -13.76 -7.32 -16.53
CA MET B 63 -13.99 -7.76 -17.90
C MET B 63 -15.43 -7.55 -18.32
N ALA B 64 -16.38 -7.72 -17.41
CA ALA B 64 -17.78 -7.48 -17.75
C ALA B 64 -17.98 -6.02 -18.16
N MET B 65 -17.38 -5.09 -17.41
CA MET B 65 -17.51 -3.67 -17.75
C MET B 65 -16.75 -3.36 -19.04
N ARG B 66 -15.58 -3.97 -19.23
CA ARG B 66 -14.87 -3.76 -20.49
C ARG B 66 -15.70 -4.25 -21.67
N ASP B 67 -16.30 -5.43 -21.56
CA ASP B 67 -17.07 -6.00 -22.65
C ASP B 67 -18.45 -5.38 -22.81
N SER B 68 -18.84 -4.42 -21.97
CA SER B 68 -20.13 -3.76 -22.11
C SER B 68 -20.16 -2.76 -23.25
N GLY B 69 -19.03 -2.45 -23.86
CA GLY B 69 -19.02 -1.59 -25.03
C GLY B 69 -18.05 -2.05 -26.09
N THR B 70 -17.55 -1.09 -26.88
CA THR B 70 -16.57 -1.41 -27.90
C THR B 70 -15.25 -1.80 -27.25
N VAL B 71 -14.62 -2.84 -27.81
CA VAL B 71 -13.27 -3.25 -27.44
C VAL B 71 -12.43 -3.21 -28.72
N LEU B 72 -11.41 -2.36 -28.73
CA LEU B 72 -10.55 -2.23 -29.90
C LEU B 72 -9.69 -3.48 -30.08
N ASP B 73 -9.42 -3.81 -31.34
CA ASP B 73 -8.57 -4.94 -31.72
C ASP B 73 -7.58 -4.45 -32.77
N TRP B 74 -6.29 -4.60 -32.49
CA TRP B 74 -5.23 -4.05 -33.34
C TRP B 74 -4.53 -5.12 -34.17
N LYS B 75 -4.89 -6.39 -34.00
CA LYS B 75 -4.13 -7.47 -34.64
C LYS B 75 -4.20 -7.37 -36.16
N SER B 76 -5.34 -6.92 -36.69
CA SER B 76 -5.54 -6.94 -38.14
C SER B 76 -4.61 -5.97 -38.86
N LEU B 77 -4.18 -4.89 -38.20
CA LEU B 77 -3.20 -3.99 -38.80
C LEU B 77 -1.79 -4.55 -38.79
N ASN B 78 -1.58 -5.69 -38.11
CA ASN B 78 -0.28 -6.28 -37.84
C ASN B 78 0.82 -5.24 -37.66
N LEU B 79 0.81 -4.55 -36.53
CA LEU B 79 1.84 -3.59 -36.21
C LEU B 79 3.08 -4.32 -35.71
N ASN B 80 4.25 -3.76 -36.03
CA ASN B 80 5.54 -4.36 -35.66
C ASN B 80 5.97 -3.99 -34.24
N GLY B 81 5.01 -3.74 -33.34
CA GLY B 81 5.34 -3.42 -31.97
C GLY B 81 4.16 -3.63 -31.04
N PRO B 82 4.40 -3.47 -29.75
CA PRO B 82 3.34 -3.69 -28.76
C PRO B 82 2.36 -2.53 -28.67
N ILE B 83 1.12 -2.85 -28.31
CA ILE B 83 0.10 -1.86 -27.97
C ILE B 83 0.22 -1.60 -26.46
N VAL B 84 0.64 -0.39 -26.09
CA VAL B 84 0.87 -0.04 -24.70
C VAL B 84 0.24 1.31 -24.40
N ASP B 85 -0.03 1.54 -23.12
CA ASP B 85 -0.63 2.78 -22.67
C ASP B 85 -0.30 3.01 -21.21
N LYS B 86 -0.58 4.22 -20.74
CA LYS B 86 -0.36 4.62 -19.37
C LYS B 86 -1.66 5.19 -18.83
N HIS B 87 -1.95 4.93 -17.56
CA HIS B 87 -3.05 5.59 -16.89
C HIS B 87 -2.60 6.09 -15.53
N SER B 88 -3.13 7.24 -15.15
CA SER B 88 -2.79 7.91 -13.91
C SER B 88 -4.06 8.18 -13.11
N THR B 89 -3.93 8.19 -11.77
CA THR B 89 -5.06 8.65 -10.97
C THR B 89 -5.19 10.16 -10.95
N GLY B 90 -4.30 10.89 -11.62
CA GLY B 90 -4.45 12.31 -11.83
C GLY B 90 -3.70 13.15 -10.82
N GLY B 91 -3.41 14.38 -11.23
CA GLY B 91 -2.70 15.28 -10.35
C GLY B 91 -2.81 16.70 -10.85
N VAL B 92 -1.94 17.54 -10.31
CA VAL B 92 -1.82 18.93 -10.73
C VAL B 92 -0.45 19.07 -11.36
N GLY B 93 -0.40 19.59 -12.59
CA GLY B 93 0.85 19.58 -13.33
C GLY B 93 1.31 18.21 -13.77
N ASP B 94 0.37 17.27 -13.89
CA ASP B 94 0.67 15.88 -14.26
C ASP B 94 0.63 15.73 -15.78
N VAL B 95 1.66 16.29 -16.45
CA VAL B 95 1.64 16.45 -17.90
C VAL B 95 2.34 15.28 -18.61
N THR B 96 2.71 14.25 -17.84
CA THR B 96 3.62 13.20 -18.33
C THR B 96 3.18 12.60 -19.66
N SER B 97 1.87 12.49 -19.90
CA SER B 97 1.41 11.78 -21.09
C SER B 97 1.91 12.43 -22.37
N LEU B 98 1.98 13.78 -22.39
CA LEU B 98 2.34 14.47 -23.63
C LEU B 98 3.75 14.13 -24.08
N MET B 99 4.67 13.85 -23.15
CA MET B 99 6.02 13.39 -23.49
C MET B 99 6.11 11.88 -23.59
N LEU B 100 5.44 11.17 -22.68
CA LEU B 100 5.55 9.71 -22.60
C LEU B 100 5.04 9.02 -23.85
N GLY B 101 3.90 9.47 -24.38
CA GLY B 101 3.37 8.92 -25.62
C GLY B 101 4.38 8.93 -26.76
N PRO B 102 4.85 10.13 -27.12
CA PRO B 102 5.88 10.23 -28.17
C PRO B 102 7.15 9.46 -27.84
N MET B 103 7.62 9.54 -26.59
CA MET B 103 8.89 8.86 -26.24
C MET B 103 8.78 7.37 -26.50
N VAL B 104 7.66 6.77 -26.09
CA VAL B 104 7.45 5.34 -26.25
C VAL B 104 7.25 4.99 -27.72
N ALA B 105 6.46 5.79 -28.44
CA ALA B 105 6.29 5.58 -29.87
C ALA B 105 7.63 5.66 -30.61
N ALA B 106 8.49 6.60 -30.20
CA ALA B 106 9.83 6.72 -30.79
C ALA B 106 10.74 5.54 -30.47
N CYS B 107 10.39 4.73 -29.46
CA CYS B 107 11.15 3.53 -29.14
C CYS B 107 10.48 2.26 -29.65
N GLY B 108 9.45 2.37 -30.48
CA GLY B 108 8.85 1.22 -31.12
C GLY B 108 7.48 0.81 -30.61
N GLY B 109 6.91 1.54 -29.64
CA GLY B 109 5.60 1.19 -29.14
C GLY B 109 4.48 1.88 -29.89
N TYR B 110 3.28 1.32 -29.77
CA TYR B 110 2.09 1.91 -30.33
C TYR B 110 1.16 2.28 -29.18
N VAL B 111 0.76 3.54 -29.13
CA VAL B 111 0.22 4.12 -27.91
C VAL B 111 -1.13 4.74 -28.24
N PRO B 112 -2.24 3.95 -28.16
CA PRO B 112 -3.61 4.47 -28.42
C PRO B 112 -4.18 5.10 -27.15
N MET B 113 -3.73 6.31 -26.86
CA MET B 113 -4.02 6.93 -25.58
C MET B 113 -5.41 7.55 -25.63
N ILE B 114 -6.38 6.81 -25.12
CA ILE B 114 -7.75 7.31 -25.00
C ILE B 114 -7.89 7.82 -23.58
N SER B 115 -8.00 9.13 -23.42
CA SER B 115 -7.78 9.77 -22.15
C SER B 115 -9.07 10.42 -21.68
N GLY B 116 -8.95 11.46 -20.85
CA GLY B 116 -10.12 12.13 -20.34
C GLY B 116 -9.80 13.57 -20.02
N ARG B 117 -10.86 14.28 -19.61
CA ARG B 117 -10.79 15.69 -19.24
C ARG B 117 -10.52 15.83 -17.74
N GLY B 118 -10.43 17.07 -17.27
CA GLY B 118 -10.21 17.29 -15.86
C GLY B 118 -11.44 16.97 -15.03
N LEU B 119 -11.20 16.48 -13.81
CA LEU B 119 -12.26 16.17 -12.85
C LEU B 119 -11.85 16.67 -11.49
N GLY B 120 -12.71 17.49 -10.88
CA GLY B 120 -12.42 18.06 -9.58
C GLY B 120 -11.29 19.06 -9.60
N HIS B 121 -10.17 18.72 -8.95
CA HIS B 121 -9.02 19.61 -8.85
C HIS B 121 -7.90 19.27 -9.82
N THR B 122 -8.00 18.15 -10.54
CA THR B 122 -6.90 17.68 -11.38
C THR B 122 -7.11 18.07 -12.84
N GLY B 123 -6.00 18.35 -13.51
CA GLY B 123 -6.05 18.62 -14.93
C GLY B 123 -6.44 17.39 -15.74
N GLY B 124 -6.88 17.63 -16.97
CA GLY B 124 -7.19 16.57 -17.90
C GLY B 124 -6.35 16.71 -19.15
N THR B 125 -5.73 15.61 -19.58
CA THR B 125 -4.84 15.66 -20.74
C THR B 125 -5.53 16.25 -21.97
N LEU B 126 -6.77 15.85 -22.22
CA LEU B 126 -7.48 16.31 -23.41
C LEU B 126 -7.73 17.82 -23.39
N ASP B 127 -7.99 18.39 -22.21
CA ASP B 127 -8.19 19.84 -22.13
C ASP B 127 -6.91 20.58 -22.45
N LYS B 128 -5.77 20.05 -21.98
CA LYS B 128 -4.48 20.65 -22.26
C LYS B 128 -4.19 20.66 -23.77
N LEU B 129 -4.43 19.53 -24.43
CA LEU B 129 -4.21 19.47 -25.88
C LEU B 129 -5.14 20.41 -26.64
N GLU B 130 -6.32 20.69 -26.11
CA GLU B 130 -7.19 21.59 -26.85
C GLU B 130 -6.76 23.04 -26.71
N ALA B 131 -5.69 23.33 -25.96
CA ALA B 131 -5.08 24.65 -26.03
C ALA B 131 -4.36 24.85 -27.36
N ILE B 132 -4.12 23.78 -28.09
CA ILE B 132 -3.44 23.84 -29.37
C ILE B 132 -4.46 24.15 -30.45
N PRO B 133 -4.34 25.26 -31.19
CA PRO B 133 -5.36 25.58 -32.21
C PRO B 133 -5.44 24.48 -33.25
N GLY B 134 -6.66 24.05 -33.54
CA GLY B 134 -6.94 23.05 -34.55
C GLY B 134 -6.91 21.63 -34.05
N PHE B 135 -6.29 21.36 -32.91
CA PHE B 135 -6.13 19.98 -32.44
C PHE B 135 -7.48 19.32 -32.22
N ASP B 136 -7.66 18.15 -32.80
CA ASP B 136 -8.93 17.44 -32.85
C ASP B 136 -8.82 16.15 -32.04
N ILE B 137 -9.42 16.15 -30.85
CA ILE B 137 -9.37 14.98 -29.97
C ILE B 137 -10.39 13.92 -30.35
N PHE B 138 -11.15 14.11 -31.43
CA PHE B 138 -12.16 13.15 -31.85
C PHE B 138 -12.00 12.77 -33.32
N PRO B 139 -10.87 12.17 -33.69
CA PRO B 139 -10.78 11.59 -35.03
C PRO B 139 -11.68 10.37 -35.11
N ASP B 140 -12.22 10.11 -36.30
CA ASP B 140 -13.01 8.90 -36.47
C ASP B 140 -12.10 7.68 -36.33
N ASP B 141 -12.73 6.50 -36.22
CA ASP B 141 -11.96 5.27 -36.12
C ASP B 141 -10.92 5.20 -37.22
N ASN B 142 -11.27 5.65 -38.42
CA ASN B 142 -10.38 5.56 -39.56
C ASN B 142 -9.12 6.38 -39.33
N ARG B 143 -9.27 7.71 -39.17
CA ARG B 143 -8.09 8.55 -38.97
C ARG B 143 -7.31 8.12 -37.73
N PHE B 144 -8.02 7.61 -36.72
CA PHE B 144 -7.37 7.14 -35.49
C PHE B 144 -6.43 5.97 -35.77
N ARG B 145 -6.91 4.95 -36.49
CA ARG B 145 -6.05 3.81 -36.83
C ARG B 145 -4.86 4.25 -37.65
N GLU B 146 -5.06 5.16 -38.61
CA GLU B 146 -3.98 5.56 -39.49
C GLU B 146 -2.90 6.33 -38.73
N ILE B 147 -3.31 7.14 -37.74
CA ILE B 147 -2.33 7.89 -36.96
C ILE B 147 -1.50 6.92 -36.12
N ILE B 148 -2.14 5.98 -35.44
CA ILE B 148 -1.39 4.96 -34.71
C ILE B 148 -0.45 4.24 -35.66
N GLN B 149 -0.94 3.88 -36.84
CA GLN B 149 -0.11 3.10 -37.77
C GLN B 149 1.10 3.90 -38.25
N ASP B 150 0.90 5.18 -38.58
CA ASP B 150 1.93 5.96 -39.25
C ASP B 150 2.77 6.79 -38.30
N VAL B 151 2.21 7.21 -37.17
CA VAL B 151 2.94 7.99 -36.18
C VAL B 151 3.25 7.19 -34.92
N GLY B 152 2.37 6.28 -34.51
CA GLY B 152 2.63 5.43 -33.36
C GLY B 152 1.98 5.88 -32.07
N VAL B 153 1.41 7.09 -32.04
CA VAL B 153 0.75 7.60 -30.84
C VAL B 153 -0.29 8.59 -31.29
N ALA B 154 -1.40 8.61 -30.55
CA ALA B 154 -2.47 9.59 -30.71
C ALA B 154 -3.13 9.71 -29.35
N ILE B 155 -3.60 10.91 -29.04
CA ILE B 155 -4.25 11.18 -27.75
C ILE B 155 -5.64 11.75 -28.05
N ILE B 156 -6.67 11.01 -27.66
CA ILE B 156 -8.03 11.27 -28.12
C ILE B 156 -8.99 11.08 -26.95
N GLY B 157 -10.21 11.62 -27.13
CA GLY B 157 -11.32 11.34 -26.25
C GLY B 157 -12.12 10.15 -26.71
N GLN B 158 -12.88 9.60 -25.78
CA GLN B 158 -13.48 8.30 -25.97
C GLN B 158 -14.93 8.41 -26.45
N THR B 159 -15.46 7.25 -26.85
CA THR B 159 -16.77 7.12 -27.45
C THR B 159 -17.82 6.86 -26.37
N SER B 160 -19.08 6.73 -26.80
CA SER B 160 -20.13 6.29 -25.89
C SER B 160 -19.97 4.82 -25.54
N SER B 161 -19.40 4.02 -26.43
CA SER B 161 -19.30 2.58 -26.27
C SER B 161 -17.95 2.15 -25.70
N LEU B 162 -17.37 2.95 -24.82
CA LEU B 162 -16.12 2.60 -24.13
C LEU B 162 -16.47 2.34 -22.67
N ALA B 163 -16.60 1.05 -22.32
CA ALA B 163 -17.06 0.59 -21.01
C ALA B 163 -18.28 1.39 -20.54
N PRO B 164 -19.35 1.47 -21.33
CA PRO B 164 -20.49 2.32 -20.94
C PRO B 164 -21.14 1.89 -19.64
N ALA B 165 -21.06 0.62 -19.26
CA ALA B 165 -21.63 0.15 -18.00
C ALA B 165 -21.11 0.94 -16.82
N ASP B 166 -19.87 1.42 -16.90
CA ASP B 166 -19.29 2.21 -15.81
C ASP B 166 -20.03 3.52 -15.61
N LYS B 167 -20.74 4.01 -16.63
CA LYS B 167 -21.38 5.32 -16.55
C LYS B 167 -22.47 5.35 -15.50
N ARG B 168 -23.49 4.50 -15.65
CA ARG B 168 -24.52 4.41 -14.61
C ARG B 168 -23.94 3.92 -13.30
N PHE B 169 -23.01 2.96 -13.38
CA PHE B 169 -22.43 2.40 -12.16
C PHE B 169 -21.73 3.48 -11.34
N TYR B 170 -20.78 4.21 -11.96
CA TYR B 170 -20.13 5.30 -11.25
C TYR B 170 -21.11 6.38 -10.84
N ALA B 171 -22.10 6.70 -11.71
CA ALA B 171 -23.04 7.76 -11.37
C ALA B 171 -23.81 7.42 -10.09
N THR B 172 -24.17 6.15 -9.92
CA THR B 172 -24.83 5.73 -8.70
C THR B 172 -23.87 5.71 -7.51
N ARG B 173 -22.65 5.19 -7.71
CA ARG B 173 -21.70 5.15 -6.60
C ARG B 173 -21.47 6.55 -6.03
N ASP B 174 -21.38 7.56 -6.91
CA ASP B 174 -21.01 8.91 -6.49
C ASP B 174 -22.10 9.63 -5.73
N ILE B 175 -23.31 9.08 -5.59
CA ILE B 175 -24.32 9.70 -4.75
C ILE B 175 -24.70 8.81 -3.57
N THR B 176 -24.08 7.65 -3.43
CA THR B 176 -24.48 6.69 -2.39
C THR B 176 -23.32 6.29 -1.49
N ALA B 177 -22.21 7.02 -1.53
CA ALA B 177 -21.04 6.72 -0.71
C ALA B 177 -20.56 5.30 -0.96
N THR B 178 -20.53 4.89 -2.24
CA THR B 178 -19.91 3.63 -2.62
C THR B 178 -18.85 3.85 -3.71
N VAL B 179 -18.28 5.06 -3.76
CA VAL B 179 -17.10 5.26 -4.58
C VAL B 179 -15.91 4.57 -3.93
N ASP B 180 -15.79 4.69 -2.61
CA ASP B 180 -14.59 4.33 -1.88
C ASP B 180 -14.53 2.83 -1.60
N SER B 181 -14.35 2.06 -2.67
CA SER B 181 -14.25 0.62 -2.62
C SER B 181 -13.22 0.16 -3.65
N ILE B 182 -12.11 -0.40 -3.16
CA ILE B 182 -11.00 -0.75 -4.05
C ILE B 182 -11.43 -1.66 -5.19
N PRO B 183 -12.23 -2.72 -4.97
CA PRO B 183 -12.64 -3.51 -6.14
C PRO B 183 -13.48 -2.70 -7.13
N LEU B 184 -14.37 -1.82 -6.64
CA LEU B 184 -15.15 -0.98 -7.53
C LEU B 184 -14.27 0.04 -8.26
N ILE B 185 -13.37 0.69 -7.52
CA ILE B 185 -12.44 1.63 -8.12
C ILE B 185 -11.59 0.94 -9.19
N THR B 186 -11.04 -0.23 -8.86
CA THR B 186 -10.21 -0.97 -9.80
C THR B 186 -10.94 -1.30 -11.09
N GLY B 187 -12.18 -1.76 -10.99
CA GLY B 187 -12.90 -2.11 -12.19
C GLY B 187 -13.24 -0.88 -13.03
N SER B 188 -13.53 0.22 -12.34
CA SER B 188 -13.81 1.49 -13.03
C SER B 188 -12.58 2.02 -13.74
N ILE B 189 -11.41 1.95 -13.08
CA ILE B 189 -10.19 2.49 -13.69
C ILE B 189 -9.79 1.66 -14.90
N LEU B 190 -9.83 0.33 -14.77
CA LEU B 190 -9.27 -0.54 -15.77
C LEU B 190 -10.18 -0.76 -16.97
N ALA B 191 -11.51 -0.80 -16.76
CA ALA B 191 -12.40 -1.24 -17.83
C ALA B 191 -12.17 -0.42 -19.10
N LYS B 192 -12.06 0.90 -18.95
CA LYS B 192 -11.88 1.77 -20.10
C LYS B 192 -10.52 1.57 -20.76
N LYS B 193 -9.47 1.39 -19.94
CA LYS B 193 -8.14 1.19 -20.51
C LYS B 193 -8.03 -0.16 -21.20
N LEU B 194 -8.58 -1.22 -20.61
CA LEU B 194 -8.46 -2.54 -21.24
C LEU B 194 -9.33 -2.63 -22.48
N ALA B 195 -10.32 -1.77 -22.63
CA ALA B 195 -11.07 -1.74 -23.87
C ALA B 195 -10.23 -1.22 -25.04
N GLU B 196 -9.03 -0.69 -24.79
CA GLU B 196 -8.17 -0.26 -25.87
C GLU B 196 -7.47 -1.40 -26.57
N GLY B 197 -7.53 -2.62 -26.02
CA GLY B 197 -6.90 -3.78 -26.63
C GLY B 197 -5.39 -3.76 -26.48
N LEU B 198 -4.93 -3.59 -25.24
CA LEU B 198 -3.53 -3.34 -24.96
C LEU B 198 -2.76 -4.65 -24.81
N ASP B 199 -1.49 -4.60 -25.21
CA ASP B 199 -0.55 -5.65 -24.85
C ASP B 199 0.04 -5.43 -23.47
N ALA B 200 0.17 -4.17 -23.04
CA ALA B 200 0.79 -3.87 -21.76
C ALA B 200 0.29 -2.50 -21.30
N LEU B 201 0.39 -2.28 -19.99
CA LEU B 201 -0.14 -1.08 -19.38
C LEU B 201 0.69 -0.77 -18.14
N VAL B 202 0.86 0.51 -17.85
CA VAL B 202 1.48 0.95 -16.61
C VAL B 202 0.52 1.90 -15.91
N MET B 203 0.43 1.76 -14.59
CA MET B 203 -0.47 2.56 -13.77
C MET B 203 0.36 3.50 -12.90
N ASP B 204 0.05 4.78 -12.99
CA ASP B 204 0.64 5.78 -12.11
C ASP B 204 -0.37 6.12 -11.02
N VAL B 205 -0.09 5.65 -9.80
CA VAL B 205 -0.97 5.88 -8.64
C VAL B 205 -0.30 6.93 -7.76
N LYS B 206 -0.92 8.10 -7.66
CA LYS B 206 -0.34 9.22 -6.93
C LYS B 206 -0.40 9.01 -5.42
N VAL B 207 0.62 9.53 -4.73
CA VAL B 207 0.71 9.53 -3.27
C VAL B 207 0.78 10.99 -2.79
N GLY B 208 0.09 11.27 -1.69
CA GLY B 208 0.24 12.56 -1.05
C GLY B 208 -1.00 13.44 -1.00
N SER B 209 -0.80 14.74 -0.82
CA SER B 209 -1.92 15.67 -0.61
C SER B 209 -2.77 15.86 -1.85
N GLY B 210 -2.22 15.61 -3.04
CA GLY B 210 -3.01 15.61 -4.26
C GLY B 210 -3.39 14.25 -4.78
N ALA B 211 -3.21 13.20 -4.00
CA ALA B 211 -3.47 11.84 -4.45
C ALA B 211 -4.96 11.52 -4.41
N PHE B 212 -5.36 10.58 -5.26
CA PHE B 212 -6.72 10.05 -5.23
C PHE B 212 -7.00 9.34 -3.91
N MET B 213 -6.15 8.38 -3.56
CA MET B 213 -6.29 7.79 -2.23
C MET B 213 -5.62 8.69 -1.20
N PRO B 214 -6.15 8.76 0.02
CA PRO B 214 -5.67 9.80 0.96
C PRO B 214 -4.33 9.49 1.61
N THR B 215 -3.97 8.21 1.76
CA THR B 215 -2.79 7.81 2.51
C THR B 215 -1.93 6.91 1.64
N TYR B 216 -0.65 6.83 2.00
CA TYR B 216 0.28 5.99 1.25
C TYR B 216 -0.20 4.55 1.20
N GLU B 217 -0.61 4.00 2.34
CA GLU B 217 -0.97 2.58 2.38
C GLU B 217 -2.22 2.32 1.55
N LEU B 218 -3.13 3.29 1.49
CA LEU B 218 -4.30 3.13 0.62
C LEU B 218 -3.90 3.24 -0.84
N SER B 219 -2.99 4.18 -1.19
CA SER B 219 -2.47 4.22 -2.55
C SER B 219 -1.80 2.91 -2.91
N GLU B 220 -1.03 2.35 -1.99
CA GLU B 220 -0.35 1.10 -2.22
C GLU B 220 -1.35 -0.04 -2.43
N ALA B 221 -2.37 -0.10 -1.58
CA ALA B 221 -3.39 -1.14 -1.73
C ALA B 221 -4.07 -1.05 -3.09
N LEU B 222 -4.42 0.16 -3.53
CA LEU B 222 -5.05 0.32 -4.83
C LEU B 222 -4.14 -0.15 -5.96
N ALA B 223 -2.87 0.28 -5.93
CA ALA B 223 -1.91 -0.12 -6.97
C ALA B 223 -1.80 -1.64 -7.06
N GLU B 224 -1.66 -2.31 -5.91
CA GLU B 224 -1.62 -3.77 -5.90
C GLU B 224 -2.87 -4.37 -6.53
N ALA B 225 -4.05 -3.88 -6.13
CA ALA B 225 -5.29 -4.43 -6.67
C ALA B 225 -5.34 -4.26 -8.19
N ILE B 226 -4.97 -3.08 -8.69
CA ILE B 226 -5.01 -2.84 -10.13
C ILE B 226 -4.07 -3.79 -10.84
N VAL B 227 -2.88 -3.99 -10.28
CA VAL B 227 -1.91 -4.89 -10.90
C VAL B 227 -2.47 -6.31 -10.95
N GLY B 228 -3.04 -6.78 -9.84
CA GLY B 228 -3.59 -8.12 -9.82
C GLY B 228 -4.68 -8.31 -10.86
N VAL B 229 -5.60 -7.35 -10.94
CA VAL B 229 -6.74 -7.50 -11.84
C VAL B 229 -6.32 -7.38 -13.30
N ALA B 230 -5.49 -6.38 -13.61
CA ALA B 230 -5.10 -6.17 -15.00
C ALA B 230 -4.35 -7.37 -15.55
N ASN B 231 -3.38 -7.89 -14.78
CA ASN B 231 -2.69 -9.11 -15.18
C ASN B 231 -3.66 -10.30 -15.22
N GLY B 232 -4.54 -10.40 -14.23
CA GLY B 232 -5.58 -11.42 -14.31
C GLY B 232 -6.47 -11.28 -15.53
N ALA B 233 -6.64 -10.05 -16.02
CA ALA B 233 -7.38 -9.80 -17.25
C ALA B 233 -6.56 -10.05 -18.51
N GLY B 234 -5.30 -10.47 -18.39
CA GLY B 234 -4.50 -10.78 -19.57
C GLY B 234 -3.73 -9.64 -20.18
N VAL B 235 -3.50 -8.56 -19.44
CA VAL B 235 -2.71 -7.43 -19.90
C VAL B 235 -1.52 -7.29 -18.96
N ARG B 236 -0.31 -7.40 -19.51
CA ARG B 236 0.91 -7.24 -18.71
C ARG B 236 0.93 -5.84 -18.11
N THR B 237 0.96 -5.76 -16.78
CA THR B 237 0.71 -4.49 -16.13
C THR B 237 1.59 -4.35 -14.91
N THR B 238 2.12 -3.14 -14.71
CA THR B 238 2.80 -2.78 -13.49
C THR B 238 2.30 -1.42 -13.04
N ALA B 239 2.68 -1.03 -11.84
CA ALA B 239 2.24 0.22 -11.28
C ALA B 239 3.39 0.89 -10.55
N LEU B 240 3.38 2.22 -10.58
CA LEU B 240 4.32 3.03 -9.83
C LEU B 240 3.55 3.86 -8.82
N LEU B 241 4.13 4.04 -7.65
CA LEU B 241 3.63 4.99 -6.67
C LEU B 241 4.48 6.25 -6.78
N THR B 242 3.87 7.36 -7.22
CA THR B 242 4.65 8.56 -7.47
C THR B 242 4.08 9.71 -6.68
N ASP B 243 4.92 10.73 -6.51
CA ASP B 243 4.63 11.81 -5.58
C ASP B 243 3.71 12.85 -6.19
N MET B 244 2.73 13.27 -5.39
CA MET B 244 1.84 14.38 -5.70
C MET B 244 1.63 15.19 -4.42
N ASN B 245 2.71 15.41 -3.67
CA ASN B 245 2.70 16.35 -2.56
C ASN B 245 3.05 17.76 -3.01
N GLN B 246 3.22 17.96 -4.31
CA GLN B 246 3.42 19.28 -4.91
C GLN B 246 3.09 19.13 -6.39
N VAL B 247 3.08 20.26 -7.10
CA VAL B 247 2.92 20.22 -8.55
C VAL B 247 4.08 19.44 -9.18
N LEU B 248 3.76 18.59 -10.15
CA LEU B 248 4.77 17.71 -10.73
C LEU B 248 5.64 18.43 -11.77
N ALA B 249 5.00 19.00 -12.79
CA ALA B 249 5.67 19.95 -13.67
C ALA B 249 5.94 21.27 -12.93
N SER B 250 6.61 22.21 -13.61
CA SER B 250 6.78 23.57 -13.10
C SER B 250 5.62 24.48 -13.47
N SER B 251 4.61 23.95 -14.15
CA SER B 251 3.43 24.70 -14.52
C SER B 251 2.18 23.89 -14.23
N ALA B 252 1.07 24.61 -14.11
CA ALA B 252 -0.23 23.98 -13.96
C ALA B 252 -1.24 24.76 -14.78
N GLY B 253 -1.97 24.08 -15.63
CA GLY B 253 -2.87 24.73 -16.56
C GLY B 253 -3.01 23.90 -17.82
N ASN B 254 -3.18 24.59 -18.94
CA ASN B 254 -3.40 23.89 -20.20
C ASN B 254 -2.32 24.29 -21.19
N ALA B 255 -2.46 25.49 -21.79
CA ALA B 255 -1.40 26.01 -22.64
C ALA B 255 -0.05 25.98 -21.94
N VAL B 256 0.01 26.42 -20.66
CA VAL B 256 1.32 26.47 -20.00
C VAL B 256 1.90 25.07 -19.86
N GLU B 257 1.06 24.06 -19.69
CA GLU B 257 1.61 22.71 -19.60
C GLU B 257 2.00 22.16 -20.96
N VAL B 258 1.31 22.55 -22.03
CA VAL B 258 1.73 22.14 -23.37
C VAL B 258 3.10 22.75 -23.69
N ARG B 259 3.28 24.04 -23.39
CA ARG B 259 4.59 24.65 -23.58
C ARG B 259 5.66 23.86 -22.82
N GLU B 260 5.37 23.46 -21.58
CA GLU B 260 6.38 22.75 -20.80
C GLU B 260 6.70 21.39 -21.43
N ALA B 261 5.69 20.70 -21.95
CA ALA B 261 5.93 19.41 -22.59
C ALA B 261 6.80 19.54 -23.82
N VAL B 262 6.53 20.56 -24.65
CA VAL B 262 7.37 20.76 -25.84
C VAL B 262 8.81 20.99 -25.44
N GLN B 263 9.04 21.90 -24.48
CA GLN B 263 10.41 22.23 -24.08
C GLN B 263 11.11 21.05 -23.42
N PHE B 264 10.35 20.15 -22.80
CA PHE B 264 10.92 18.92 -22.25
C PHE B 264 11.39 18.00 -23.38
N LEU B 265 10.56 17.81 -24.39
CA LEU B 265 10.93 16.93 -25.50
C LEU B 265 12.13 17.47 -26.27
N THR B 266 12.16 18.79 -26.55
CA THR B 266 13.31 19.32 -27.28
C THR B 266 14.56 19.38 -26.43
N GLY B 267 14.41 19.53 -25.12
CA GLY B 267 15.56 19.72 -24.26
C GLY B 267 15.79 21.14 -23.80
N GLU B 268 14.93 22.08 -24.21
CA GLU B 268 15.03 23.45 -23.68
C GLU B 268 15.01 23.47 -22.17
N TYR B 269 14.10 22.71 -21.55
CA TYR B 269 14.03 22.68 -20.11
C TYR B 269 13.37 21.37 -19.67
N ARG B 270 13.93 20.74 -18.64
CA ARG B 270 13.39 19.50 -18.11
C ARG B 270 13.32 19.59 -16.60
N ASN B 271 12.11 19.78 -16.08
CA ASN B 271 11.91 19.67 -14.63
C ASN B 271 12.40 18.30 -14.18
N PRO B 272 13.28 18.23 -13.17
CA PRO B 272 13.90 16.93 -12.86
C PRO B 272 12.94 15.95 -12.19
N ARG B 273 11.99 16.43 -11.38
CA ARG B 273 10.99 15.52 -10.81
C ARG B 273 10.04 15.03 -11.89
N LEU B 274 9.57 15.93 -12.75
CA LEU B 274 8.77 15.49 -13.90
C LEU B 274 9.54 14.50 -14.75
N PHE B 275 10.86 14.72 -14.92
CA PHE B 275 11.66 13.79 -15.71
C PHE B 275 11.68 12.41 -15.06
N ASP B 276 11.87 12.36 -13.74
CA ASP B 276 11.95 11.08 -13.04
C ASP B 276 10.67 10.28 -13.24
N VAL B 277 9.52 10.94 -13.08
CA VAL B 277 8.25 10.22 -13.16
C VAL B 277 7.98 9.78 -14.59
N THR B 278 8.07 10.71 -15.55
CA THR B 278 7.96 10.36 -16.97
C THR B 278 8.89 9.22 -17.37
N MET B 279 10.19 9.36 -17.07
CA MET B 279 11.12 8.30 -17.46
C MET B 279 10.73 6.97 -16.82
N ALA B 280 10.44 6.98 -15.53
CA ALA B 280 10.08 5.74 -14.83
C ALA B 280 8.84 5.09 -15.47
N LEU B 281 7.83 5.89 -15.80
CA LEU B 281 6.64 5.31 -16.43
C LEU B 281 6.96 4.73 -17.79
N CYS B 282 7.75 5.44 -18.61
CA CYS B 282 8.12 4.93 -19.93
C CYS B 282 8.92 3.63 -19.81
N VAL B 283 9.81 3.52 -18.82
CA VAL B 283 10.58 2.29 -18.62
C VAL B 283 9.65 1.09 -18.48
N GLU B 284 8.63 1.21 -17.62
CA GLU B 284 7.68 0.12 -17.43
C GLU B 284 7.04 -0.28 -18.76
N MET B 285 6.67 0.70 -19.58
CA MET B 285 6.03 0.41 -20.85
C MET B 285 6.97 -0.33 -21.78
N LEU B 286 8.24 0.07 -21.83
CA LEU B 286 9.19 -0.62 -22.69
C LEU B 286 9.44 -2.04 -22.20
N ILE B 287 9.56 -2.23 -20.88
CA ILE B 287 9.83 -3.57 -20.36
C ILE B 287 8.61 -4.47 -20.55
N SER B 288 7.45 -4.04 -20.05
CA SER B 288 6.23 -4.82 -20.20
C SER B 288 5.86 -5.06 -21.65
N GLY B 289 6.19 -4.13 -22.54
CA GLY B 289 5.91 -4.30 -23.95
C GLY B 289 6.94 -5.09 -24.69
N GLN B 290 7.98 -5.56 -23.99
CA GLN B 290 9.06 -6.35 -24.57
C GLN B 290 9.83 -5.56 -25.62
N LEU B 291 10.03 -4.26 -25.35
CA LEU B 291 10.88 -3.42 -26.17
C LEU B 291 12.26 -3.20 -25.54
N ALA B 292 12.43 -3.55 -24.27
CA ALA B 292 13.71 -3.43 -23.59
C ALA B 292 13.80 -4.53 -22.53
N LYS B 293 15.00 -5.08 -22.34
CA LYS B 293 15.16 -6.21 -21.42
C LYS B 293 15.10 -5.79 -19.97
N ASP B 294 15.56 -4.59 -19.65
CA ASP B 294 15.70 -4.19 -18.25
C ASP B 294 15.68 -2.67 -18.17
N ASP B 295 15.80 -2.17 -16.94
CA ASP B 295 15.76 -0.73 -16.68
C ASP B 295 16.82 0.02 -17.48
N ALA B 296 18.08 -0.42 -17.37
CA ALA B 296 19.19 0.31 -17.99
C ALA B 296 19.01 0.43 -19.50
N GLU B 297 18.68 -0.69 -20.17
CA GLU B 297 18.48 -0.65 -21.61
C GLU B 297 17.28 0.23 -21.96
N ALA B 298 16.24 0.22 -21.12
CA ALA B 298 15.06 1.03 -21.42
C ALA B 298 15.40 2.52 -21.32
N ARG B 299 16.04 2.93 -20.24
CA ARG B 299 16.40 4.33 -20.07
C ARG B 299 17.41 4.78 -21.12
N ALA B 300 18.31 3.89 -21.54
CA ALA B 300 19.23 4.25 -22.60
C ALA B 300 18.48 4.54 -23.90
N LYS B 301 17.51 3.68 -24.23
CA LYS B 301 16.70 3.93 -25.42
C LYS B 301 15.90 5.21 -25.30
N LEU B 302 15.37 5.48 -24.10
CA LEU B 302 14.51 6.64 -23.89
C LEU B 302 15.32 7.93 -23.84
N GLN B 303 16.46 7.90 -23.15
CA GLN B 303 17.35 9.06 -23.17
C GLN B 303 17.75 9.40 -24.58
N ALA B 304 17.97 8.37 -25.42
CA ALA B 304 18.44 8.59 -26.77
C ALA B 304 17.41 9.32 -27.61
N VAL B 305 16.12 8.96 -27.50
CA VAL B 305 15.12 9.65 -28.31
C VAL B 305 14.77 11.01 -27.74
N LEU B 306 15.04 11.25 -26.44
CA LEU B 306 14.89 12.60 -25.91
C LEU B 306 16.01 13.51 -26.41
N ASP B 307 17.15 12.92 -26.75
CA ASP B 307 18.36 13.69 -26.97
C ASP B 307 18.83 13.69 -28.43
N ASN B 308 18.16 12.96 -29.32
CA ASN B 308 18.38 13.13 -30.75
C ASN B 308 17.18 13.78 -31.44
N GLY B 309 16.26 14.36 -30.69
CA GLY B 309 15.13 15.02 -31.29
C GLY B 309 14.02 14.11 -31.80
N LYS B 310 14.19 12.79 -31.72
CA LYS B 310 13.19 11.89 -32.30
C LYS B 310 11.86 11.99 -31.58
N ALA B 311 11.88 12.04 -30.24
CA ALA B 311 10.64 12.13 -29.47
C ALA B 311 9.92 13.44 -29.76
N ALA B 312 10.66 14.55 -29.75
CA ALA B 312 10.04 15.84 -30.07
C ALA B 312 9.42 15.81 -31.46
N GLU B 313 10.07 15.15 -32.41
CA GLU B 313 9.57 15.08 -33.77
C GLU B 313 8.31 14.22 -33.87
N VAL B 314 8.28 13.10 -33.14
CA VAL B 314 7.06 12.28 -33.12
C VAL B 314 5.90 13.09 -32.58
N PHE B 315 6.13 13.87 -31.52
CA PHE B 315 5.06 14.70 -30.96
C PHE B 315 4.54 15.68 -32.00
N GLY B 316 5.44 16.32 -32.75
CA GLY B 316 5.00 17.28 -33.74
C GLY B 316 4.23 16.63 -34.87
N ARG B 317 4.65 15.43 -35.28
CA ARG B 317 3.88 14.67 -36.25
C ARG B 317 2.49 14.34 -35.71
N MET B 318 2.40 14.03 -34.42
CA MET B 318 1.12 13.67 -33.82
C MET B 318 0.18 14.88 -33.79
N VAL B 319 0.70 16.03 -33.36
CA VAL B 319 -0.08 17.26 -33.35
C VAL B 319 -0.57 17.58 -34.77
N ALA B 320 0.30 17.41 -35.77
CA ALA B 320 -0.08 17.74 -37.14
C ALA B 320 -1.08 16.73 -37.68
N ALA B 321 -0.90 15.45 -37.36
CA ALA B 321 -1.86 14.43 -37.80
C ALA B 321 -3.25 14.68 -37.23
N GLN B 322 -3.34 15.20 -36.01
CA GLN B 322 -4.63 15.50 -35.39
C GLN B 322 -5.05 16.96 -35.65
N LYS B 323 -4.55 17.57 -36.72
CA LYS B 323 -5.01 18.83 -37.29
C LYS B 323 -4.54 20.07 -36.53
N GLY B 324 -3.55 19.94 -35.63
CA GLY B 324 -2.82 21.10 -35.20
C GLY B 324 -1.83 21.51 -36.26
N PRO B 325 -1.07 22.55 -35.98
CA PRO B 325 -0.15 23.10 -36.99
C PRO B 325 1.00 22.15 -37.31
N SER B 326 1.51 22.27 -38.53
CA SER B 326 2.64 21.46 -38.98
C SER B 326 3.90 21.77 -38.18
N ASP B 327 4.08 23.01 -37.77
CA ASP B 327 5.31 23.47 -37.15
C ASP B 327 5.09 23.84 -35.68
N PHE B 328 4.25 23.07 -34.99
CA PHE B 328 3.90 23.45 -33.62
C PHE B 328 5.08 23.34 -32.68
N VAL B 329 5.92 22.31 -32.82
CA VAL B 329 7.08 22.19 -31.94
C VAL B 329 8.01 23.37 -32.14
N GLU B 330 8.22 23.78 -33.40
CA GLU B 330 9.21 24.80 -33.67
C GLU B 330 8.72 26.20 -33.29
N ASN B 331 7.41 26.41 -33.30
CA ASN B 331 6.82 27.75 -33.18
C ASN B 331 5.64 27.75 -32.25
N TYR B 332 5.76 27.08 -31.11
CA TYR B 332 4.59 26.92 -30.23
C TYR B 332 4.10 28.26 -29.69
N ASP B 333 5.02 29.19 -29.38
CA ASP B 333 4.65 30.52 -28.89
C ASP B 333 3.76 31.27 -29.85
N LYS B 334 3.79 30.93 -31.13
CA LYS B 334 2.92 31.56 -32.11
C LYS B 334 1.49 31.05 -32.00
N TYR B 335 1.29 29.87 -31.43
CA TYR B 335 0.02 29.18 -31.44
C TYR B 335 -0.68 29.15 -30.10
N LEU B 336 0.04 28.91 -29.02
CA LEU B 336 -0.58 28.81 -27.71
C LEU B 336 -1.05 30.18 -27.25
N PRO B 337 -2.21 30.26 -26.62
CA PRO B 337 -2.73 31.57 -26.20
C PRO B 337 -2.02 32.09 -24.97
N THR B 338 -1.96 33.42 -24.88
CA THR B 338 -1.27 34.12 -23.83
C THR B 338 -2.28 34.74 -22.88
N ALA B 339 -2.05 34.61 -21.57
CA ALA B 339 -2.98 35.24 -20.64
C ALA B 339 -2.83 36.75 -20.68
N MET B 340 -3.90 37.43 -20.26
CA MET B 340 -3.90 38.88 -20.24
C MET B 340 -2.94 39.45 -19.20
N LEU B 341 -2.82 38.80 -18.04
CA LEU B 341 -2.03 39.31 -16.94
C LEU B 341 -1.13 38.19 -16.42
N SER B 342 0.19 38.44 -16.39
CA SER B 342 1.18 37.47 -15.95
C SER B 342 2.07 38.13 -14.91
N LYS B 343 1.93 37.76 -13.64
CA LYS B 343 2.71 38.37 -12.58
C LYS B 343 3.11 37.34 -11.55
N ALA B 344 4.28 37.54 -10.97
CA ALA B 344 4.77 36.69 -9.90
C ALA B 344 3.99 36.95 -8.61
N VAL B 345 3.82 35.91 -7.81
CA VAL B 345 3.21 36.01 -6.48
C VAL B 345 4.28 35.66 -5.45
N TYR B 346 4.30 36.43 -4.36
CA TYR B 346 5.33 36.32 -3.35
C TYR B 346 4.72 35.92 -2.01
N ALA B 347 5.46 35.08 -1.28
CA ALA B 347 5.07 34.69 0.05
C ALA B 347 5.26 35.85 1.03
N ASP B 348 4.62 35.73 2.20
CA ASP B 348 4.73 36.75 3.25
C ASP B 348 5.83 36.44 4.26
N THR B 349 6.13 35.18 4.51
CA THR B 349 7.21 34.76 5.39
C THR B 349 8.45 34.45 4.55
N GLU B 350 9.52 34.00 5.23
CA GLU B 350 10.83 33.88 4.59
C GLU B 350 11.46 32.51 4.84
N GLY B 351 10.65 31.47 5.02
CA GLY B 351 11.15 30.14 5.33
C GLY B 351 11.39 29.27 4.11
N PHE B 352 11.47 27.97 4.36
CA PHE B 352 11.54 26.94 3.34
C PHE B 352 10.16 26.42 3.05
N ILE B 353 9.93 25.95 1.83
CA ILE B 353 8.63 25.38 1.49
C ILE B 353 8.56 23.99 2.12
N SER B 354 7.72 23.85 3.12
CA SER B 354 7.50 22.61 3.87
C SER B 354 6.35 21.78 3.34
N ALA B 355 5.26 22.40 2.92
CA ALA B 355 4.11 21.65 2.46
C ALA B 355 3.39 22.43 1.37
N MET B 356 2.62 21.71 0.57
CA MET B 356 1.88 22.29 -0.56
C MET B 356 0.55 21.55 -0.67
N ASP B 357 -0.54 22.31 -0.66
CA ASP B 357 -1.89 21.75 -0.81
C ASP B 357 -2.23 21.74 -2.28
N THR B 358 -1.82 20.67 -2.97
CA THR B 358 -2.03 20.59 -4.41
C THR B 358 -3.49 20.59 -4.78
N ARG B 359 -4.33 19.95 -3.96
CA ARG B 359 -5.77 20.00 -4.19
C ARG B 359 -6.22 21.45 -4.33
N ALA B 360 -5.75 22.31 -3.44
CA ALA B 360 -6.14 23.72 -3.45
C ALA B 360 -5.54 24.46 -4.64
N LEU B 361 -4.29 24.15 -4.98
CA LEU B 361 -3.69 24.73 -6.19
C LEU B 361 -4.51 24.39 -7.42
N GLY B 362 -4.82 23.11 -7.60
CA GLY B 362 -5.67 22.71 -8.72
C GLY B 362 -6.99 23.44 -8.75
N MET B 363 -7.65 23.59 -7.59
CA MET B 363 -8.91 24.33 -7.57
C MET B 363 -8.70 25.81 -7.89
N ALA B 364 -7.54 26.36 -7.50
CA ALA B 364 -7.25 27.74 -7.89
C ALA B 364 -7.22 27.88 -9.40
N VAL B 365 -6.68 26.89 -10.11
CA VAL B 365 -6.62 26.98 -11.57
C VAL B 365 -8.02 26.93 -12.16
N VAL B 366 -8.84 25.98 -11.69
CA VAL B 366 -10.25 25.92 -12.10
C VAL B 366 -10.93 27.27 -11.92
N SER B 367 -10.75 27.89 -10.75
CA SER B 367 -11.42 29.17 -10.49
C SER B 367 -10.99 30.26 -11.45
N MET B 368 -9.71 30.25 -11.88
CA MET B 368 -9.26 31.20 -12.88
C MET B 368 -9.93 30.99 -14.24
N GLY B 369 -10.59 29.86 -14.44
CA GLY B 369 -11.13 29.49 -15.74
C GLY B 369 -10.38 28.41 -16.45
N GLY B 370 -9.38 27.79 -15.82
CA GLY B 370 -8.58 26.74 -16.43
C GLY B 370 -9.15 25.34 -16.34
N GLY B 371 -10.35 25.21 -15.82
CA GLY B 371 -11.00 23.93 -15.72
C GLY B 371 -12.50 24.14 -15.54
N ARG B 372 -13.19 23.06 -15.23
CA ARG B 372 -14.64 23.08 -15.18
C ARG B 372 -15.14 22.68 -13.81
N ARG B 373 -16.29 23.25 -13.44
CA ARG B 373 -17.09 22.76 -12.32
C ARG B 373 -18.28 21.92 -12.76
N GLN B 374 -18.89 22.27 -13.89
CA GLN B 374 -19.91 21.48 -14.56
C GLN B 374 -19.37 21.06 -15.92
N ALA B 375 -19.96 20.01 -16.49
CA ALA B 375 -19.49 19.52 -17.79
C ALA B 375 -19.64 20.57 -18.89
N SER B 376 -20.66 21.43 -18.79
CA SER B 376 -20.95 22.39 -19.83
C SER B 376 -20.04 23.62 -19.79
N ASP B 377 -19.26 23.79 -18.72
CA ASP B 377 -18.35 24.93 -18.60
C ASP B 377 -17.40 24.99 -19.78
N THR B 378 -17.02 26.21 -20.14
CA THR B 378 -15.95 26.48 -21.09
C THR B 378 -14.66 26.79 -20.34
N ILE B 379 -13.54 26.75 -21.06
CA ILE B 379 -12.21 26.86 -20.46
C ILE B 379 -11.43 27.99 -21.12
N ASP B 380 -10.77 28.80 -20.30
CA ASP B 380 -9.72 29.69 -20.77
C ASP B 380 -8.42 28.90 -20.73
N TYR B 381 -7.89 28.56 -21.90
CA TYR B 381 -6.70 27.73 -22.00
C TYR B 381 -5.41 28.47 -21.66
N SER B 382 -5.45 29.80 -21.48
CA SER B 382 -4.22 30.56 -21.26
C SER B 382 -3.87 30.71 -19.78
N VAL B 383 -4.82 30.48 -18.87
CA VAL B 383 -4.59 30.78 -17.46
C VAL B 383 -3.91 29.60 -16.77
N GLY B 384 -3.28 29.90 -15.64
CA GLY B 384 -2.60 28.89 -14.86
C GLY B 384 -1.37 29.46 -14.16
N PHE B 385 -0.51 28.54 -13.70
CA PHE B 385 0.72 28.88 -12.99
C PHE B 385 1.93 28.40 -13.80
N THR B 386 3.02 29.18 -13.75
CA THR B 386 4.32 28.71 -14.20
C THR B 386 5.36 28.99 -13.12
N ASP B 387 6.56 28.46 -13.37
CA ASP B 387 7.72 28.70 -12.50
C ASP B 387 7.38 28.36 -11.04
N MET B 388 6.76 27.19 -10.85
CA MET B 388 6.37 26.77 -9.51
C MET B 388 7.60 26.57 -8.64
N ALA B 389 7.59 27.17 -7.46
CA ALA B 389 8.54 26.81 -6.43
C ALA B 389 8.25 25.39 -5.95
N ARG B 390 9.24 24.79 -5.30
CA ARG B 390 9.18 23.36 -4.98
C ARG B 390 9.45 23.12 -3.51
N LEU B 391 8.87 22.02 -3.01
CA LEU B 391 9.15 21.53 -1.66
C LEU B 391 10.66 21.57 -1.41
N GLY B 392 11.06 22.26 -0.35
CA GLY B 392 12.45 22.37 0.04
C GLY B 392 13.14 23.65 -0.40
N ASP B 393 12.56 24.38 -1.35
CA ASP B 393 13.18 25.61 -1.83
C ASP B 393 13.22 26.65 -0.72
N SER B 394 14.24 27.51 -0.77
CA SER B 394 14.33 28.66 0.12
C SER B 394 13.55 29.83 -0.48
N ILE B 395 12.65 30.41 0.31
CA ILE B 395 11.73 31.43 -0.18
C ILE B 395 11.97 32.73 0.55
N ASP B 396 12.37 33.77 -0.19
CA ASP B 396 12.41 35.13 0.32
C ASP B 396 11.69 36.07 -0.65
N GLY B 397 11.81 37.38 -0.43
CA GLY B 397 11.10 38.36 -1.23
C GLY B 397 11.56 38.48 -2.68
N GLN B 398 12.67 37.84 -3.04
CA GLN B 398 13.15 37.84 -4.42
C GLN B 398 12.91 36.53 -5.15
N ARG B 399 12.33 35.52 -4.49
CA ARG B 399 12.02 34.25 -5.15
C ARG B 399 10.52 33.99 -5.08
N PRO B 400 9.79 34.10 -6.18
CA PRO B 400 8.31 33.98 -6.11
C PRO B 400 7.89 32.54 -5.86
N LEU B 401 6.65 32.40 -5.36
CA LEU B 401 6.07 31.07 -5.27
C LEU B 401 5.70 30.53 -6.66
N ALA B 402 5.27 31.41 -7.55
CA ALA B 402 4.89 31.04 -8.91
C ALA B 402 4.65 32.33 -9.70
N VAL B 403 4.52 32.17 -11.00
CA VAL B 403 4.00 33.23 -11.87
C VAL B 403 2.58 32.83 -12.23
N ILE B 404 1.64 33.74 -11.96
CA ILE B 404 0.21 33.50 -12.16
C ILE B 404 -0.21 34.17 -13.45
N HIS B 405 -0.81 33.40 -14.35
CA HIS B 405 -1.35 33.89 -15.61
C HIS B 405 -2.87 33.95 -15.49
N ALA B 406 -3.44 35.15 -15.55
CA ALA B 406 -4.86 35.38 -15.24
C ALA B 406 -5.51 36.29 -16.29
N LYS B 407 -6.86 36.34 -16.26
CA LYS B 407 -7.62 37.16 -17.20
C LYS B 407 -7.59 38.63 -16.84
N ASP B 408 -7.55 38.95 -15.54
CA ASP B 408 -7.70 40.31 -15.06
C ASP B 408 -7.22 40.38 -13.62
N GLU B 409 -7.12 41.60 -13.10
CA GLU B 409 -6.50 41.81 -11.80
C GLU B 409 -7.28 41.11 -10.70
N ALA B 410 -8.61 41.08 -10.81
CA ALA B 410 -9.45 40.48 -9.78
C ALA B 410 -9.20 38.98 -9.65
N SER B 411 -9.22 38.26 -10.78
CA SER B 411 -8.93 36.83 -10.69
C SER B 411 -7.47 36.57 -10.33
N TRP B 412 -6.56 37.49 -10.72
CA TRP B 412 -5.16 37.35 -10.31
C TRP B 412 -5.05 37.42 -8.79
N GLN B 413 -5.71 38.39 -8.17
CA GLN B 413 -5.70 38.53 -6.72
C GLN B 413 -6.24 37.28 -6.04
N GLU B 414 -7.38 36.79 -6.54
CA GLU B 414 -7.99 35.59 -5.97
C GLU B 414 -7.03 34.40 -6.06
N ALA B 415 -6.40 34.22 -7.22
CA ALA B 415 -5.45 33.11 -7.37
C ALA B 415 -4.24 33.31 -6.46
N ALA B 416 -3.77 34.55 -6.29
CA ALA B 416 -2.62 34.78 -5.43
C ALA B 416 -2.95 34.47 -3.98
N LYS B 417 -4.16 34.78 -3.54
CA LYS B 417 -4.56 34.42 -2.18
C LYS B 417 -4.57 32.91 -1.99
N ALA B 418 -5.02 32.17 -3.01
CA ALA B 418 -5.08 30.71 -2.89
C ALA B 418 -3.69 30.11 -2.88
N VAL B 419 -2.77 30.66 -3.69
CA VAL B 419 -1.42 30.11 -3.73
C VAL B 419 -0.69 30.38 -2.42
N LYS B 420 -0.78 31.61 -1.92
CA LYS B 420 -0.13 31.93 -0.65
C LYS B 420 -0.68 31.07 0.48
N ALA B 421 -1.99 30.79 0.45
CA ALA B 421 -2.61 29.93 1.45
C ALA B 421 -2.23 28.47 1.27
N ALA B 422 -2.04 28.00 0.03
CA ALA B 422 -1.78 26.59 -0.21
C ALA B 422 -0.35 26.18 0.09
N ILE B 423 0.58 27.13 0.17
CA ILE B 423 2.00 26.83 0.31
C ILE B 423 2.45 27.25 1.71
N ILE B 424 2.95 26.29 2.49
CA ILE B 424 3.31 26.50 3.89
C ILE B 424 4.83 26.61 4.00
N LEU B 425 5.29 27.69 4.61
CA LEU B 425 6.72 27.91 4.82
C LEU B 425 7.09 27.63 6.27
N ASP B 426 8.34 27.21 6.46
CA ASP B 426 8.82 26.86 7.79
C ASP B 426 10.29 27.26 7.90
N ASP B 427 10.73 27.46 9.15
CA ASP B 427 12.13 27.78 9.41
C ASP B 427 13.05 26.62 9.09
N LYS B 428 12.53 25.40 9.12
CA LYS B 428 13.35 24.20 8.99
C LYS B 428 13.13 23.55 7.61
N ALA B 429 14.22 23.02 7.05
CA ALA B 429 14.11 22.31 5.78
C ALA B 429 13.39 20.98 5.99
N PRO B 430 12.41 20.65 5.15
CA PRO B 430 11.66 19.41 5.36
C PRO B 430 12.49 18.19 4.99
N ALA B 431 11.98 17.03 5.40
CA ALA B 431 12.55 15.77 4.95
C ALA B 431 12.33 15.62 3.45
N SER B 432 13.32 15.06 2.76
CA SER B 432 13.25 14.92 1.32
C SER B 432 12.17 13.92 0.93
N THR B 433 11.37 14.27 -0.08
CA THR B 433 10.42 13.32 -0.62
C THR B 433 10.91 12.83 -1.97
N PRO B 434 10.85 11.53 -2.25
CA PRO B 434 11.23 11.04 -3.57
C PRO B 434 10.12 11.22 -4.59
N SER B 435 10.49 11.09 -5.86
CA SER B 435 9.53 11.21 -6.95
C SER B 435 8.79 9.90 -7.19
N VAL B 436 9.52 8.79 -7.13
CA VAL B 436 8.95 7.46 -7.31
C VAL B 436 9.17 6.69 -6.00
N TYR B 437 8.08 6.30 -5.35
CA TYR B 437 8.21 5.61 -4.07
C TYR B 437 8.49 4.12 -4.26
N ARG B 438 7.82 3.47 -5.21
CA ARG B 438 8.18 2.10 -5.51
C ARG B 438 7.53 1.65 -6.81
N ARG B 439 8.07 0.56 -7.34
CA ARG B 439 7.55 -0.13 -8.50
C ARG B 439 6.81 -1.37 -8.02
N ILE B 440 5.64 -1.64 -8.60
CA ILE B 440 4.81 -2.76 -8.21
C ILE B 440 4.55 -3.62 -9.44
N THR B 441 5.07 -4.84 -9.42
CA THR B 441 4.84 -5.81 -10.48
C THR B 441 4.07 -7.00 -9.91
N GLU B 442 3.81 -7.98 -10.76
CA GLU B 442 2.99 -9.14 -10.36
C GLU B 442 3.76 -10.10 -9.46
S SO4 C . 40.74 4.89 1.96
O1 SO4 C . 39.75 5.87 1.53
O2 SO4 C . 40.41 3.56 1.46
O3 SO4 C . 42.06 5.22 1.40
O4 SO4 C . 40.80 4.91 3.41
S SO4 D . 36.92 3.97 20.08
O1 SO4 D . 36.08 4.98 19.44
O2 SO4 D . 36.20 2.70 20.11
O3 SO4 D . 38.16 3.81 19.32
O4 SO4 D . 37.24 4.39 21.44
S SO4 E . 22.95 -12.88 5.02
O1 SO4 E . 21.81 -13.41 5.75
O2 SO4 E . 22.49 -12.51 3.68
O3 SO4 E . 23.46 -11.68 5.68
O4 SO4 E . 24.00 -13.90 4.97
S SO4 F . 2.05 -8.96 12.46
O1 SO4 F . 1.76 -8.69 13.87
O2 SO4 F . 1.08 -9.92 11.93
O3 SO4 F . 1.99 -7.74 11.67
O4 SO4 F . 3.40 -9.51 12.35
S SO4 G . -14.49 8.00 10.85
O1 SO4 G . -14.53 6.77 11.66
O2 SO4 G . -15.74 8.12 10.10
O3 SO4 G . -13.37 7.92 9.90
O4 SO4 G . -14.32 9.14 11.73
C1 GOL H . -7.43 -21.71 29.99
O1 GOL H . -6.77 -22.94 29.72
C2 GOL H . -8.16 -21.90 31.30
O2 GOL H . -7.55 -23.04 31.88
C3 GOL H . -8.11 -20.69 32.24
O3 GOL H . -9.08 -19.70 31.86
C1 EDO I . 3.25 4.97 32.99
O1 EDO I . 4.27 4.17 33.60
C2 EDO I . 2.06 5.20 33.93
O2 EDO I . 1.47 3.96 34.34
S SO4 J . -3.82 10.44 -18.21
O1 SO4 J . -4.57 11.13 -17.18
O2 SO4 J . -4.72 9.72 -19.10
O3 SO4 J . -3.08 11.42 -18.99
O4 SO4 J . -2.90 9.46 -17.61
S SO4 K . 15.71 23.07 -11.81
O1 SO4 K . 16.04 24.49 -11.79
O2 SO4 K . 14.26 22.91 -11.92
O3 SO4 K . 16.34 22.42 -12.95
O4 SO4 K . 16.19 22.45 -10.58
S SO4 L . 14.09 18.74 -6.34
O1 SO4 L . 12.92 19.57 -6.10
O2 SO4 L . 13.74 17.32 -6.20
O3 SO4 L . 14.58 18.97 -7.70
O4 SO4 L . 15.12 19.06 -5.36
S SO4 M . -22.11 -11.95 -22.07
O1 SO4 M . -22.20 -10.54 -21.67
O2 SO4 M . -23.41 -12.39 -22.56
O3 SO4 M . -21.11 -12.09 -23.13
O4 SO4 M . -21.73 -12.76 -20.92
C1 GOL N . 18.02 15.97 -19.16
O1 GOL N . 17.98 14.89 -20.07
C2 GOL N . 17.39 15.58 -17.82
O2 GOL N . 18.24 14.64 -17.21
C3 GOL N . 17.26 16.81 -16.94
O3 GOL N . 16.54 16.47 -15.76
O5' CTN O . -6.50 -3.23 2.80
C5' CTN O . -7.64 -2.41 2.55
C4' CTN O . -8.19 -2.61 1.17
O4' CTN O . -7.09 -2.89 0.25
C1' CTN O . -7.42 -4.00 -0.54
N1 CTN O . -6.18 -4.68 -0.93
C6 CTN O . -5.11 -4.64 -0.19
C5 CTN O . -4.01 -5.29 -0.61
C4 CTN O . -4.02 -5.98 -1.80
N3 CTN O . -5.10 -6.02 -2.53
C2 CTN O . -6.20 -5.38 -2.12
O2 CTN O . -7.18 -5.40 -2.76
N4 CTN O . -2.86 -6.67 -2.25
C2' CTN O . -8.34 -4.85 0.34
O2' CTN O . -9.07 -5.78 -0.43
C3' CTN O . -9.18 -3.78 1.00
O3' CTN O . -10.23 -3.39 0.11
#